data_1I9B
#
_entry.id   1I9B
#
_cell.length_a   141.660
_cell.length_b   141.660
_cell.length_c   120.870
_cell.angle_alpha   90.00
_cell.angle_beta   90.00
_cell.angle_gamma   90.00
#
_symmetry.space_group_name_H-M   'P 42 21 2'
#
loop_
_entity.id
_entity.type
_entity.pdbx_description
1 polymer 'ACETYLCHOLINE BINDING PROTEIN'
2 non-polymer 'CALCIUM ION'
3 non-polymer '4-(2-HYDROXYETHYL)-1-PIPERAZINE ETHANESULFONIC ACID'
4 water water
#
_entity_poly.entity_id   1
_entity_poly.type   'polypeptide(L)'
_entity_poly.pdbx_seq_one_letter_code
;EAEAYVEFDRADILYNIRQTSRPDVIPTQRDRPVAVSVSLKFINILEVNEITNEVDVVFWQQTTWSDRTLAWNSSHSPDQ
VSVPISSLWVPDLAAYNAISKPEVLTPQLARVVSDGEVLYMPSIRQRFSCDVSGVDTESGATCRIKIGSWTHHSREISVD
PTTENSDDSEYFSQYSRFEILDVTQKKNSVTYSCCPEAYEDVEVSLNFRKKGRSEIL
;
_entity_poly.pdbx_strand_id   A,B,C,D,E
#
# COMPACT_ATOMS: atom_id res chain seq x y z
N PHE A 8 30.15 26.02 -4.66
CA PHE A 8 29.21 24.87 -4.87
C PHE A 8 28.49 24.58 -3.56
N ASP A 9 27.16 24.73 -3.54
CA ASP A 9 26.41 24.46 -2.31
C ASP A 9 25.61 23.14 -2.42
N ARG A 10 25.07 22.69 -1.28
CA ARG A 10 24.30 21.44 -1.26
C ARG A 10 23.21 21.45 -2.31
N ALA A 11 22.63 22.63 -2.57
CA ALA A 11 21.59 22.73 -3.57
C ALA A 11 22.18 22.42 -4.94
N ASP A 12 23.30 23.06 -5.25
CA ASP A 12 23.95 22.84 -6.54
C ASP A 12 24.38 21.38 -6.67
N ILE A 13 24.86 20.80 -5.57
CA ILE A 13 25.32 19.42 -5.59
C ILE A 13 24.16 18.45 -5.85
N LEU A 14 23.13 18.54 -5.04
CA LEU A 14 21.98 17.67 -5.21
C LEU A 14 21.36 17.88 -6.59
N TYR A 15 21.27 19.13 -7.00
CA TYR A 15 20.69 19.46 -8.29
C TYR A 15 21.41 18.79 -9.46
N ASN A 16 22.72 18.69 -9.38
CA ASN A 16 23.49 18.06 -10.44
C ASN A 16 23.22 16.59 -10.47
N ILE A 17 23.40 15.93 -9.32
CA ILE A 17 23.16 14.49 -9.21
C ILE A 17 21.77 14.13 -9.71
N ARG A 18 20.78 14.93 -9.34
CA ARG A 18 19.41 14.71 -9.75
C ARG A 18 19.24 14.84 -11.27
N GLN A 19 19.82 15.89 -11.83
CA GLN A 19 19.72 16.17 -13.24
C GLN A 19 20.52 15.26 -14.15
N THR A 20 21.60 14.69 -13.63
CA THR A 20 22.45 13.84 -14.45
C THR A 20 22.40 12.33 -14.14
N SER A 21 21.96 11.98 -12.95
CA SER A 21 21.91 10.59 -12.55
C SER A 21 20.91 9.73 -13.31
N ARG A 22 21.19 8.43 -13.32
CA ARG A 22 20.34 7.45 -13.99
C ARG A 22 20.23 6.21 -13.12
N PRO A 23 19.20 6.14 -12.29
CA PRO A 23 18.95 5.03 -11.38
C PRO A 23 18.87 3.65 -12.04
N ASP A 24 18.60 3.62 -13.34
CA ASP A 24 18.49 2.35 -14.04
C ASP A 24 19.79 1.83 -14.61
N VAL A 25 20.87 2.56 -14.41
CA VAL A 25 22.15 2.15 -14.95
C VAL A 25 23.23 1.87 -13.92
N ILE A 26 23.66 0.62 -13.88
CA ILE A 26 24.71 0.17 -12.97
C ILE A 26 26.03 0.87 -13.28
N PRO A 27 26.65 1.50 -12.27
CA PRO A 27 27.93 2.23 -12.40
C PRO A 27 29.12 1.35 -12.73
N THR A 28 28.98 0.51 -13.75
CA THR A 28 30.06 -0.38 -14.13
C THR A 28 31.15 0.29 -14.98
N GLN A 29 32.41 -0.01 -14.64
CA GLN A 29 33.60 0.52 -15.34
C GLN A 29 34.26 -0.66 -16.08
N ARG A 30 34.10 -0.68 -17.40
CA ARG A 30 34.64 -1.77 -18.23
C ARG A 30 34.00 -3.10 -17.83
N ASP A 31 34.71 -4.21 -18.07
CA ASP A 31 34.18 -5.53 -17.71
C ASP A 31 34.23 -5.65 -16.20
N ARG A 32 34.75 -4.61 -15.55
CA ARG A 32 34.87 -4.61 -14.10
C ARG A 32 33.51 -4.55 -13.40
N PRO A 33 33.27 -5.47 -12.44
CA PRO A 33 32.01 -5.52 -11.71
C PRO A 33 31.95 -4.36 -10.73
N VAL A 34 30.77 -4.09 -10.20
CA VAL A 34 30.62 -3.03 -9.21
C VAL A 34 30.84 -3.72 -7.87
N ALA A 35 31.74 -3.18 -7.07
CA ALA A 35 32.03 -3.77 -5.78
C ALA A 35 31.08 -3.23 -4.72
N VAL A 36 30.13 -4.08 -4.35
CA VAL A 36 29.13 -3.76 -3.35
C VAL A 36 29.46 -4.54 -2.09
N SER A 37 29.55 -3.84 -0.97
CA SER A 37 29.82 -4.50 0.28
C SER A 37 28.54 -4.46 1.10
N VAL A 38 28.18 -5.60 1.68
CA VAL A 38 26.97 -5.72 2.49
C VAL A 38 27.34 -6.10 3.90
N SER A 39 26.60 -5.57 4.87
CA SER A 39 26.86 -5.84 6.27
C SER A 39 25.60 -5.66 7.10
N LEU A 40 25.07 -6.76 7.64
CA LEU A 40 23.87 -6.66 8.47
C LEU A 40 24.28 -6.43 9.92
N LYS A 41 23.59 -5.52 10.59
CA LYS A 41 23.83 -5.23 12.00
C LYS A 41 22.48 -5.47 12.65
N PHE A 42 22.37 -6.56 13.41
CA PHE A 42 21.10 -6.87 14.02
C PHE A 42 20.72 -5.93 15.13
N ILE A 43 19.50 -5.43 15.05
CA ILE A 43 18.98 -4.50 16.02
C ILE A 43 18.00 -5.22 16.94
N ASN A 44 17.33 -6.23 16.41
CA ASN A 44 16.37 -6.94 17.24
C ASN A 44 15.86 -8.23 16.62
N ILE A 45 15.41 -9.15 17.47
CA ILE A 45 14.84 -10.42 17.06
C ILE A 45 13.50 -10.42 17.73
N LEU A 46 12.44 -10.32 16.93
CA LEU A 46 11.08 -10.20 17.44
C LEU A 46 10.24 -11.43 17.64
N GLU A 47 10.22 -12.33 16.67
CA GLU A 47 9.42 -13.51 16.84
C GLU A 47 10.17 -14.70 16.33
N VAL A 48 10.10 -15.77 17.10
CA VAL A 48 10.77 -16.99 16.72
C VAL A 48 9.77 -18.12 16.82
N ASN A 49 9.88 -19.08 15.92
CA ASN A 49 8.99 -20.24 15.91
C ASN A 49 9.88 -21.41 15.52
N GLU A 50 10.25 -22.22 16.51
CA GLU A 50 11.11 -23.36 16.24
C GLU A 50 10.37 -24.45 15.50
N ILE A 51 9.04 -24.46 15.63
CA ILE A 51 8.22 -25.45 14.96
C ILE A 51 8.20 -25.18 13.46
N THR A 52 8.03 -23.92 13.09
CA THR A 52 7.98 -23.54 11.69
C THR A 52 9.29 -23.03 11.11
N ASN A 53 10.28 -22.84 11.98
CA ASN A 53 11.58 -22.35 11.53
C ASN A 53 11.44 -21.01 10.80
N GLU A 54 10.81 -20.05 11.45
CA GLU A 54 10.60 -18.74 10.87
C GLU A 54 11.03 -17.69 11.87
N VAL A 55 11.72 -16.67 11.37
CA VAL A 55 12.20 -15.61 12.24
C VAL A 55 11.73 -14.24 11.76
N ASP A 56 11.44 -13.38 12.73
CA ASP A 56 11.01 -12.03 12.46
C ASP A 56 12.11 -11.17 13.08
N VAL A 57 12.97 -10.61 12.25
CA VAL A 57 14.09 -9.84 12.75
C VAL A 57 14.22 -8.43 12.16
N VAL A 58 14.94 -7.56 12.88
CA VAL A 58 15.19 -6.18 12.47
C VAL A 58 16.71 -6.00 12.34
N PHE A 59 17.17 -5.31 11.31
CA PHE A 59 18.59 -5.11 11.13
C PHE A 59 18.90 -3.95 10.22
N TRP A 60 20.15 -3.50 10.24
CA TRP A 60 20.58 -2.42 9.38
C TRP A 60 21.30 -3.04 8.21
N GLN A 61 20.74 -2.91 7.03
CA GLN A 61 21.37 -3.47 5.85
C GLN A 61 22.36 -2.45 5.33
N GLN A 62 23.46 -2.32 6.06
CA GLN A 62 24.53 -1.39 5.73
C GLN A 62 25.18 -1.76 4.39
N THR A 63 24.87 -0.99 3.36
CA THR A 63 25.36 -1.24 2.03
C THR A 63 26.29 -0.14 1.55
N THR A 64 27.29 -0.51 0.75
CA THR A 64 28.24 0.46 0.23
C THR A 64 28.74 0.09 -1.15
N TRP A 65 28.92 1.08 -1.99
CA TRP A 65 29.42 0.85 -3.34
C TRP A 65 29.91 2.17 -3.89
N SER A 66 30.44 2.15 -5.10
CA SER A 66 30.97 3.34 -5.69
C SER A 66 30.42 3.70 -7.05
N ASP A 67 30.01 4.96 -7.21
CA ASP A 67 29.47 5.47 -8.46
C ASP A 67 30.23 6.76 -8.77
N ARG A 68 31.26 6.66 -9.60
CA ARG A 68 32.09 7.80 -9.96
C ARG A 68 31.37 8.92 -10.75
N THR A 69 30.23 8.61 -11.36
CA THR A 69 29.50 9.64 -12.12
C THR A 69 28.85 10.64 -11.16
N LEU A 70 28.91 10.34 -9.87
CA LEU A 70 28.33 11.20 -8.84
C LEU A 70 29.41 12.08 -8.22
N ALA A 71 30.67 11.76 -8.50
CA ALA A 71 31.79 12.51 -7.94
C ALA A 71 31.80 13.96 -8.38
N TRP A 72 32.26 14.83 -7.49
CA TRP A 72 32.36 16.27 -7.74
C TRP A 72 33.50 16.79 -6.84
N ASN A 73 34.18 17.87 -7.26
CA ASN A 73 35.29 18.40 -6.45
C ASN A 73 34.70 19.15 -5.26
N SER A 74 35.05 18.72 -4.05
CA SER A 74 34.52 19.36 -2.86
C SER A 74 35.54 20.17 -2.09
N SER A 75 36.68 20.47 -2.72
CA SER A 75 37.74 21.23 -2.03
C SER A 75 37.11 22.46 -1.34
N HIS A 76 36.45 23.29 -2.13
CA HIS A 76 35.77 24.47 -1.57
C HIS A 76 34.26 24.18 -1.66
N SER A 77 33.85 23.03 -1.12
CA SER A 77 32.43 22.62 -1.10
C SER A 77 32.23 21.44 -0.15
N PRO A 78 30.96 21.12 0.17
CA PRO A 78 30.62 20.00 1.08
C PRO A 78 31.11 18.66 0.55
N ASP A 79 31.55 17.77 1.44
CA ASP A 79 32.07 16.46 1.00
C ASP A 79 30.96 15.44 0.82
N GLN A 80 29.88 15.63 1.57
CA GLN A 80 28.74 14.73 1.57
C GLN A 80 27.37 15.39 1.51
N VAL A 81 26.41 14.64 0.98
CA VAL A 81 25.04 15.10 0.90
C VAL A 81 24.10 13.90 1.03
N SER A 82 22.87 14.14 1.46
CA SER A 82 21.88 13.09 1.59
C SER A 82 21.06 13.09 0.32
N VAL A 83 21.08 11.98 -0.39
CA VAL A 83 20.34 11.85 -1.64
C VAL A 83 19.23 10.81 -1.56
N PRO A 84 18.06 11.12 -2.13
CA PRO A 84 16.97 10.14 -2.08
C PRO A 84 17.35 8.93 -2.92
N ILE A 85 17.04 7.75 -2.39
CA ILE A 85 17.33 6.49 -3.06
C ILE A 85 16.85 6.44 -4.50
N SER A 86 15.72 7.09 -4.75
CA SER A 86 15.11 7.15 -6.07
C SER A 86 15.90 7.94 -7.12
N SER A 87 16.90 8.71 -6.69
CA SER A 87 17.69 9.49 -7.64
C SER A 87 19.03 8.85 -7.94
N LEU A 88 19.28 7.69 -7.32
CA LEU A 88 20.54 6.98 -7.51
C LEU A 88 20.27 5.57 -7.98
N TRP A 89 21.31 4.94 -8.50
CA TRP A 89 21.21 3.54 -8.91
C TRP A 89 21.44 2.83 -7.60
N VAL A 90 20.72 1.75 -7.36
CA VAL A 90 20.91 1.02 -6.12
C VAL A 90 20.98 -0.47 -6.43
N PRO A 91 21.83 -1.21 -5.69
CA PRO A 91 22.01 -2.66 -5.87
C PRO A 91 20.68 -3.38 -5.72
N ASP A 92 20.37 -4.28 -6.65
CA ASP A 92 19.12 -5.01 -6.59
C ASP A 92 19.26 -6.22 -5.69
N LEU A 93 19.69 -5.97 -4.45
CA LEU A 93 19.87 -7.04 -3.49
C LEU A 93 18.57 -7.68 -3.04
N ALA A 94 18.64 -8.95 -2.67
CA ALA A 94 17.48 -9.68 -2.22
C ALA A 94 17.92 -10.75 -1.21
N ALA A 95 17.14 -10.93 -0.14
CA ALA A 95 17.47 -11.95 0.82
C ALA A 95 16.82 -13.22 0.30
N TYR A 96 17.65 -14.15 -0.18
CA TYR A 96 17.19 -15.42 -0.75
C TYR A 96 16.16 -16.20 0.08
N ASN A 97 16.29 -16.17 1.40
CA ASN A 97 15.36 -16.91 2.24
C ASN A 97 14.38 -16.00 3.00
N ALA A 98 14.18 -14.81 2.47
CA ALA A 98 13.23 -13.88 3.06
C ALA A 98 11.85 -14.46 2.78
N ILE A 99 11.00 -14.43 3.80
CA ILE A 99 9.66 -14.97 3.73
C ILE A 99 8.60 -13.88 3.55
N SER A 100 9.03 -12.63 3.67
CA SER A 100 8.16 -11.48 3.53
C SER A 100 8.99 -10.42 2.84
N LYS A 101 8.36 -9.36 2.34
CA LYS A 101 9.19 -8.33 1.72
C LYS A 101 9.74 -7.41 2.79
N PRO A 102 10.79 -6.66 2.46
CA PRO A 102 11.39 -5.75 3.43
C PRO A 102 10.50 -4.61 3.84
N GLU A 103 10.36 -4.42 5.16
CA GLU A 103 9.58 -3.32 5.67
C GLU A 103 10.64 -2.32 6.07
N VAL A 104 10.94 -1.38 5.18
CA VAL A 104 11.93 -0.36 5.46
C VAL A 104 11.36 0.61 6.49
N LEU A 105 11.99 0.65 7.66
CA LEU A 105 11.53 1.47 8.76
C LEU A 105 12.09 2.88 8.80
N THR A 106 13.08 3.16 7.96
CA THR A 106 13.70 4.47 7.96
C THR A 106 13.62 5.22 6.63
N PRO A 107 13.86 6.54 6.67
CA PRO A 107 13.83 7.38 5.47
C PRO A 107 14.69 6.74 4.42
N GLN A 108 14.20 6.68 3.19
CA GLN A 108 14.98 6.05 2.14
C GLN A 108 15.94 7.00 1.46
N LEU A 109 16.89 7.48 2.25
CA LEU A 109 17.92 8.41 1.81
C LEU A 109 19.27 7.74 1.91
N ALA A 110 20.15 8.08 0.99
CA ALA A 110 21.50 7.53 0.98
C ALA A 110 22.46 8.69 1.24
N ARG A 111 23.70 8.36 1.53
CA ARG A 111 24.69 9.38 1.80
C ARG A 111 25.72 9.30 0.69
N VAL A 112 25.98 10.42 0.03
CA VAL A 112 26.95 10.42 -1.06
C VAL A 112 28.15 11.31 -0.78
N VAL A 113 29.34 10.71 -0.86
CA VAL A 113 30.61 11.40 -0.64
C VAL A 113 31.13 11.91 -1.97
N SER A 114 31.70 13.12 -1.96
CA SER A 114 32.21 13.72 -3.20
C SER A 114 33.04 12.82 -4.13
N ASP A 115 33.61 11.75 -3.61
CA ASP A 115 34.42 10.89 -4.46
C ASP A 115 33.62 9.80 -5.16
N GLY A 116 32.30 9.88 -5.05
CA GLY A 116 31.42 8.90 -5.67
C GLY A 116 31.10 7.70 -4.80
N GLU A 117 31.51 7.75 -3.54
CA GLU A 117 31.22 6.65 -2.62
C GLU A 117 29.78 6.83 -2.15
N VAL A 118 29.03 5.72 -2.14
CA VAL A 118 27.63 5.76 -1.72
C VAL A 118 27.41 4.85 -0.52
N LEU A 119 26.70 5.37 0.49
CA LEU A 119 26.42 4.58 1.67
C LEU A 119 24.93 4.60 1.95
N TYR A 120 24.29 3.44 1.90
CA TYR A 120 22.86 3.32 2.17
C TYR A 120 22.66 2.29 3.27
N MET A 121 22.13 2.72 4.40
CA MET A 121 21.92 1.82 5.53
C MET A 121 20.52 1.92 6.10
N PRO A 122 19.55 1.26 5.47
CA PRO A 122 18.17 1.31 5.96
C PRO A 122 17.92 0.28 7.07
N SER A 123 16.98 0.57 7.97
CA SER A 123 16.66 -0.38 9.03
C SER A 123 15.50 -1.21 8.50
N ILE A 124 15.70 -2.52 8.42
CA ILE A 124 14.68 -3.41 7.88
C ILE A 124 14.13 -4.48 8.83
N ARG A 125 12.81 -4.63 8.82
CA ARG A 125 12.17 -5.68 9.60
C ARG A 125 11.73 -6.66 8.53
N GLN A 126 12.06 -7.93 8.70
CA GLN A 126 11.69 -8.90 7.67
C GLN A 126 11.69 -10.31 8.21
N ARG A 127 10.85 -11.17 7.64
CA ARG A 127 10.79 -12.55 8.10
C ARG A 127 11.62 -13.47 7.22
N PHE A 128 12.22 -14.47 7.86
CA PHE A 128 13.05 -15.43 7.13
C PHE A 128 12.77 -16.86 7.48
N SER A 129 13.14 -17.73 6.56
CA SER A 129 13.01 -19.17 6.74
C SER A 129 14.43 -19.68 6.97
N CYS A 130 14.73 -20.09 8.19
CA CYS A 130 16.05 -20.60 8.52
C CYS A 130 15.99 -21.56 9.71
N ASP A 131 17.16 -22.05 10.13
CA ASP A 131 17.22 -22.99 11.23
C ASP A 131 17.02 -22.33 12.59
N VAL A 132 15.86 -22.58 13.19
CA VAL A 132 15.51 -22.04 14.49
C VAL A 132 15.79 -23.05 15.62
N SER A 133 15.84 -24.34 15.29
CA SER A 133 16.09 -25.40 16.28
C SER A 133 17.29 -25.07 17.17
N GLY A 134 17.08 -25.14 18.48
CA GLY A 134 18.15 -24.83 19.40
C GLY A 134 18.02 -23.44 19.99
N VAL A 135 17.03 -22.67 19.55
CA VAL A 135 16.83 -21.32 20.06
C VAL A 135 16.89 -21.30 21.57
N ASP A 136 16.15 -22.22 22.20
CA ASP A 136 16.13 -22.28 23.64
C ASP A 136 17.14 -23.31 24.11
N THR A 137 18.40 -23.01 23.84
CA THR A 137 19.52 -23.86 24.17
C THR A 137 20.71 -22.97 24.52
N GLU A 138 21.70 -23.54 25.21
CA GLU A 138 22.88 -22.77 25.57
C GLU A 138 23.67 -22.44 24.30
N SER A 139 23.77 -23.43 23.40
CA SER A 139 24.47 -23.24 22.13
C SER A 139 23.55 -22.50 21.15
N GLY A 140 22.25 -22.44 21.50
CA GLY A 140 21.28 -21.73 20.69
C GLY A 140 21.15 -22.17 19.25
N ALA A 141 20.48 -21.33 18.46
CA ALA A 141 20.27 -21.62 17.04
C ALA A 141 21.14 -20.77 16.12
N THR A 142 21.29 -21.24 14.89
CA THR A 142 22.07 -20.54 13.89
C THR A 142 21.22 -20.37 12.64
N CYS A 143 20.73 -19.14 12.48
CA CYS A 143 19.90 -18.79 11.37
C CYS A 143 20.77 -18.10 10.34
N ARG A 144 20.87 -18.69 9.15
CA ARG A 144 21.69 -18.14 8.07
C ARG A 144 20.80 -17.44 7.06
N ILE A 145 21.20 -16.23 6.69
CA ILE A 145 20.48 -15.41 5.73
C ILE A 145 21.42 -15.07 4.58
N LYS A 146 21.05 -15.46 3.37
CA LYS A 146 21.89 -15.18 2.19
C LYS A 146 21.28 -14.09 1.33
N ILE A 147 22.05 -13.04 1.06
CA ILE A 147 21.54 -11.95 0.22
C ILE A 147 22.55 -11.52 -0.86
N GLY A 148 22.08 -11.39 -2.09
CA GLY A 148 22.92 -10.98 -3.21
C GLY A 148 22.10 -10.40 -4.34
N SER A 149 22.74 -9.87 -5.39
CA SER A 149 22.01 -9.31 -6.52
C SER A 149 21.06 -10.33 -7.10
N TRP A 150 19.89 -9.86 -7.53
CA TRP A 150 18.89 -10.73 -8.09
C TRP A 150 19.04 -10.91 -9.58
N THR A 151 19.52 -9.89 -10.27
CA THR A 151 19.66 -9.97 -11.71
C THR A 151 21.07 -9.83 -12.25
N HIS A 152 22.01 -9.37 -11.41
CA HIS A 152 23.37 -9.21 -11.86
C HIS A 152 24.32 -10.30 -11.36
N HIS A 153 25.03 -10.92 -12.29
CA HIS A 153 25.98 -11.96 -11.93
C HIS A 153 27.32 -11.36 -11.50
N SER A 154 28.24 -12.22 -11.09
CA SER A 154 29.57 -11.84 -10.62
C SER A 154 30.39 -10.89 -11.49
N ARG A 155 30.14 -10.88 -12.80
CA ARG A 155 30.89 -10.02 -13.70
C ARG A 155 30.41 -8.56 -13.68
N GLU A 156 29.20 -8.34 -13.17
CA GLU A 156 28.58 -7.02 -13.10
C GLU A 156 28.53 -6.54 -11.66
N ILE A 157 28.08 -7.41 -10.76
CA ILE A 157 28.03 -7.08 -9.35
C ILE A 157 28.72 -8.15 -8.54
N SER A 158 29.51 -7.72 -7.57
CA SER A 158 30.20 -8.63 -6.67
C SER A 158 29.91 -8.11 -5.26
N VAL A 159 29.54 -9.02 -4.36
CA VAL A 159 29.23 -8.65 -2.97
C VAL A 159 30.31 -9.16 -2.06
N ASP A 160 30.63 -8.40 -1.01
CA ASP A 160 31.68 -8.78 -0.08
C ASP A 160 31.32 -8.36 1.36
N PRO A 161 31.69 -9.17 2.35
CA PRO A 161 31.39 -8.81 3.74
C PRO A 161 32.31 -7.69 4.21
N THR A 162 32.16 -7.26 5.46
CA THR A 162 32.97 -6.18 6.00
C THR A 162 33.39 -6.33 7.49
N THR A 163 33.68 -5.17 8.11
CA THR A 163 34.11 -5.03 9.51
C THR A 163 33.68 -6.12 10.51
N GLU A 164 34.61 -7.04 10.79
CA GLU A 164 34.34 -8.14 11.72
C GLU A 164 34.62 -7.76 13.17
N ASN A 165 35.29 -6.63 13.38
CA ASN A 165 35.59 -6.20 14.74
C ASN A 165 34.28 -5.89 15.49
N SER A 166 33.79 -4.67 15.30
CA SER A 166 32.55 -4.18 15.91
C SER A 166 31.79 -5.25 16.70
N ASP A 167 31.55 -5.00 18.00
CA ASP A 167 30.81 -5.96 18.82
C ASP A 167 29.51 -6.33 18.12
N ASP A 168 29.33 -7.63 17.85
CA ASP A 168 28.14 -8.12 17.16
C ASP A 168 26.81 -7.68 17.74
N SER A 169 26.80 -7.12 18.94
CA SER A 169 25.51 -6.70 19.48
C SER A 169 25.53 -5.32 20.11
N GLU A 170 26.39 -4.45 19.62
CA GLU A 170 26.48 -3.11 20.19
C GLU A 170 25.27 -2.26 19.79
N TYR A 171 24.48 -2.73 18.83
CA TYR A 171 23.29 -2.03 18.40
C TYR A 171 22.05 -2.85 18.72
N PHE A 172 22.27 -4.07 19.21
CA PHE A 172 21.16 -4.95 19.54
C PHE A 172 20.31 -4.40 20.69
N SER A 173 19.00 -4.59 20.61
CA SER A 173 18.10 -4.12 21.64
C SER A 173 18.32 -4.96 22.89
N GLN A 174 18.33 -4.31 24.04
CA GLN A 174 18.54 -5.00 25.30
C GLN A 174 17.23 -5.60 25.81
N TYR A 175 16.11 -5.07 25.33
CA TYR A 175 14.82 -5.55 25.78
C TYR A 175 14.32 -6.73 24.96
N SER A 176 15.13 -7.16 24.02
CA SER A 176 14.77 -8.29 23.18
C SER A 176 14.60 -9.54 24.01
N ARG A 177 13.65 -10.36 23.61
CA ARG A 177 13.38 -11.61 24.31
C ARG A 177 14.57 -12.53 24.09
N PHE A 178 15.42 -12.21 23.11
CA PHE A 178 16.56 -13.07 22.82
C PHE A 178 17.91 -12.34 22.96
N GLU A 179 18.99 -13.08 22.76
CA GLU A 179 20.33 -12.51 22.86
C GLU A 179 21.22 -13.10 21.78
N ILE A 180 22.26 -12.36 21.41
CA ILE A 180 23.16 -12.84 20.35
C ILE A 180 24.44 -13.42 20.86
N LEU A 181 24.75 -14.61 20.38
CA LEU A 181 25.99 -15.25 20.79
C LEU A 181 27.08 -14.75 19.85
N ASP A 182 26.88 -14.96 18.55
CA ASP A 182 27.86 -14.54 17.57
C ASP A 182 27.25 -14.34 16.19
N VAL A 183 27.91 -13.51 15.38
CA VAL A 183 27.49 -13.21 14.02
C VAL A 183 28.71 -13.24 13.13
N THR A 184 28.62 -14.02 12.04
CA THR A 184 29.72 -14.09 11.08
C THR A 184 29.16 -14.02 9.66
N GLN A 185 29.96 -13.46 8.75
CA GLN A 185 29.53 -13.32 7.37
C GLN A 185 30.59 -13.88 6.46
N LYS A 186 30.19 -14.77 5.56
CA LYS A 186 31.14 -15.38 4.62
C LYS A 186 30.56 -15.31 3.23
N LYS A 187 31.21 -14.58 2.33
CA LYS A 187 30.68 -14.47 0.96
C LYS A 187 30.75 -15.78 0.18
N ASN A 188 29.91 -15.94 -0.83
CA ASN A 188 29.88 -17.14 -1.65
C ASN A 188 29.78 -16.79 -3.13
N SER A 189 29.78 -17.81 -3.97
CA SER A 189 29.67 -17.62 -5.41
C SER A 189 29.08 -18.90 -5.94
N VAL A 190 27.81 -18.82 -6.33
CA VAL A 190 27.08 -19.98 -6.81
C VAL A 190 26.67 -19.92 -8.27
N THR A 191 26.68 -21.07 -8.92
CA THR A 191 26.21 -21.17 -10.30
C THR A 191 24.97 -22.03 -10.18
N TYR A 192 23.83 -21.57 -10.71
CA TYR A 192 22.61 -22.34 -10.60
C TYR A 192 22.23 -22.94 -11.93
N SER A 193 21.71 -24.17 -11.88
CA SER A 193 21.29 -24.86 -13.10
C SER A 193 20.37 -23.94 -13.90
N CYS A 194 19.54 -23.18 -13.19
CA CYS A 194 18.60 -22.25 -13.81
C CYS A 194 19.33 -21.23 -14.63
N CYS A 195 20.45 -20.83 -14.09
CA CYS A 195 21.15 -19.71 -14.65
C CYS A 195 22.64 -19.90 -15.00
N PRO A 196 22.99 -19.61 -16.27
CA PRO A 196 24.30 -19.67 -16.92
C PRO A 196 25.52 -19.17 -16.14
N GLU A 197 25.49 -17.90 -15.72
CA GLU A 197 26.62 -17.30 -15.01
C GLU A 197 26.58 -17.54 -13.50
N ALA A 198 27.57 -17.03 -12.77
CA ALA A 198 27.63 -17.21 -11.32
C ALA A 198 27.08 -16.02 -10.53
N TYR A 199 26.41 -16.28 -9.41
CA TYR A 199 25.85 -15.22 -8.59
C TYR A 199 26.38 -15.17 -7.17
N GLU A 200 27.23 -14.17 -6.92
CA GLU A 200 27.82 -13.97 -5.59
C GLU A 200 26.76 -13.54 -4.58
N ASP A 201 27.00 -13.85 -3.31
CA ASP A 201 26.07 -13.50 -2.25
C ASP A 201 26.79 -13.60 -0.93
N VAL A 202 26.33 -12.82 0.05
CA VAL A 202 26.93 -12.84 1.38
C VAL A 202 26.04 -13.64 2.31
N GLU A 203 26.62 -14.62 2.98
CA GLU A 203 25.84 -15.44 3.90
C GLU A 203 26.14 -14.97 5.31
N VAL A 204 25.09 -14.59 6.04
CA VAL A 204 25.27 -14.12 7.40
C VAL A 204 24.67 -15.17 8.31
N SER A 205 25.46 -15.61 9.28
CA SER A 205 25.00 -16.62 10.23
C SER A 205 24.69 -15.96 11.55
N LEU A 206 23.42 -16.05 11.97
CA LEU A 206 23.03 -15.44 13.22
C LEU A 206 22.90 -16.50 14.28
N ASN A 207 23.89 -16.56 15.17
CA ASN A 207 23.85 -17.49 16.27
C ASN A 207 23.32 -16.73 17.47
N PHE A 208 22.10 -17.08 17.85
CA PHE A 208 21.44 -16.45 18.99
C PHE A 208 20.69 -17.53 19.74
N ARG A 209 20.09 -17.13 20.85
CA ARG A 209 19.33 -18.05 21.68
C ARG A 209 18.38 -17.24 22.57
N LYS A 210 17.36 -17.91 23.11
CA LYS A 210 16.43 -17.23 23.99
C LYS A 210 17.22 -16.88 25.22
N LYS A 211 16.92 -15.70 25.77
CA LYS A 211 17.61 -15.20 26.95
C LYS A 211 17.36 -16.13 28.10
N GLY A 212 18.44 -16.79 28.54
CA GLY A 212 18.41 -17.76 29.64
C GLY A 212 17.51 -17.51 30.84
N PHE B 8 27.79 0.86 -27.86
CA PHE B 8 26.56 0.87 -26.99
C PHE B 8 26.89 0.52 -25.54
N ASP B 9 27.16 1.49 -24.66
CA ASP B 9 27.42 1.10 -23.28
C ASP B 9 26.07 0.77 -22.64
N ARG B 10 26.04 0.24 -21.42
CA ARG B 10 24.78 -0.13 -20.78
C ARG B 10 23.75 1.01 -20.68
N ALA B 11 24.23 2.23 -20.55
CA ALA B 11 23.38 3.41 -20.46
C ALA B 11 22.65 3.62 -21.77
N ASP B 12 23.38 3.52 -22.87
CA ASP B 12 22.80 3.70 -24.19
C ASP B 12 21.74 2.64 -24.44
N ILE B 13 21.99 1.42 -23.98
CA ILE B 13 21.05 0.34 -24.18
C ILE B 13 19.76 0.55 -23.43
N LEU B 14 19.86 0.77 -22.13
CA LEU B 14 18.69 1.01 -21.30
C LEU B 14 17.93 2.23 -21.78
N TYR B 15 18.66 3.29 -22.10
CA TYR B 15 18.08 4.52 -22.60
C TYR B 15 17.19 4.32 -23.84
N ASN B 16 17.64 3.46 -24.76
CA ASN B 16 16.88 3.19 -25.98
C ASN B 16 15.61 2.47 -25.65
N ILE B 17 15.73 1.35 -24.92
CA ILE B 17 14.57 0.56 -24.54
C ILE B 17 13.54 1.42 -23.82
N ARG B 18 14.00 2.27 -22.93
CA ARG B 18 13.13 3.16 -22.18
C ARG B 18 12.42 4.15 -23.09
N GLN B 19 13.17 4.74 -24.00
CA GLN B 19 12.64 5.76 -24.89
C GLN B 19 11.76 5.24 -26.01
N THR B 20 11.92 3.97 -26.37
CA THR B 20 11.15 3.42 -27.47
C THR B 20 10.10 2.37 -27.07
N SER B 21 10.28 1.78 -25.89
CA SER B 21 9.36 0.74 -25.45
C SER B 21 7.95 1.20 -25.14
N ARG B 22 7.01 0.26 -25.20
CA ARG B 22 5.62 0.53 -24.94
C ARG B 22 5.04 -0.64 -24.15
N PRO B 23 5.03 -0.51 -22.82
CA PRO B 23 4.53 -1.54 -21.91
C PRO B 23 3.10 -1.98 -22.16
N ASP B 24 2.32 -1.13 -22.84
CA ASP B 24 0.93 -1.46 -23.10
C ASP B 24 0.67 -2.22 -24.38
N VAL B 25 1.71 -2.53 -25.11
CA VAL B 25 1.56 -3.23 -26.38
C VAL B 25 2.24 -4.58 -26.43
N ILE B 26 1.43 -5.62 -26.60
CA ILE B 26 1.91 -6.98 -26.68
C ILE B 26 2.78 -7.15 -27.94
N PRO B 27 3.99 -7.70 -27.80
CA PRO B 27 4.96 -7.93 -28.90
C PRO B 27 4.51 -8.98 -29.92
N THR B 28 3.30 -8.85 -30.41
CA THR B 28 2.77 -9.80 -31.37
C THR B 28 3.27 -9.57 -32.81
N GLN B 29 3.65 -10.68 -33.46
CA GLN B 29 4.12 -10.66 -34.85
C GLN B 29 3.04 -11.35 -35.71
N ARG B 30 2.28 -10.56 -36.46
CA ARG B 30 1.20 -11.09 -37.31
C ARG B 30 0.13 -11.75 -36.44
N ASP B 31 -0.62 -12.68 -37.01
CA ASP B 31 -1.65 -13.38 -36.25
C ASP B 31 -0.97 -14.31 -35.27
N ARG B 32 0.36 -14.32 -35.30
CA ARG B 32 1.14 -15.18 -34.41
C ARG B 32 1.06 -14.74 -32.97
N PRO B 33 0.73 -15.66 -32.06
CA PRO B 33 0.61 -15.35 -30.64
C PRO B 33 2.01 -15.13 -30.05
N VAL B 34 2.07 -14.60 -28.84
CA VAL B 34 3.35 -14.41 -28.19
C VAL B 34 3.57 -15.67 -27.38
N ALA B 35 4.72 -16.31 -27.58
CA ALA B 35 5.00 -17.53 -26.86
C ALA B 35 5.63 -17.23 -25.51
N VAL B 36 4.83 -17.41 -24.46
CA VAL B 36 5.24 -17.19 -23.09
C VAL B 36 5.37 -18.52 -22.40
N SER B 37 6.50 -18.75 -21.78
CA SER B 37 6.72 -19.98 -21.08
C SER B 37 6.73 -19.65 -19.59
N VAL B 38 6.00 -20.44 -18.82
CA VAL B 38 5.90 -20.23 -17.38
C VAL B 38 6.45 -21.44 -16.66
N SER B 39 7.11 -21.21 -15.54
CA SER B 39 7.69 -22.29 -14.76
C SER B 39 7.80 -21.92 -13.30
N LEU B 40 7.02 -22.57 -12.44
CA LEU B 40 7.09 -22.28 -11.00
C LEU B 40 8.15 -23.16 -10.35
N LYS B 41 8.95 -22.57 -9.47
CA LYS B 41 9.97 -23.30 -8.75
C LYS B 41 9.65 -23.02 -7.30
N PHE B 42 9.14 -24.01 -6.59
CA PHE B 42 8.76 -23.80 -5.21
C PHE B 42 9.94 -23.62 -4.27
N ILE B 43 9.85 -22.56 -3.47
CA ILE B 43 10.89 -22.21 -2.54
C ILE B 43 10.44 -22.57 -1.15
N ASN B 44 9.14 -22.48 -0.91
CA ASN B 44 8.65 -22.80 0.42
C ASN B 44 7.14 -22.94 0.53
N ILE B 45 6.70 -23.70 1.52
CA ILE B 45 5.28 -23.91 1.79
C ILE B 45 5.17 -23.49 3.23
N LEU B 46 4.47 -22.39 3.46
CA LEU B 46 4.37 -21.83 4.79
C LEU B 46 3.20 -22.18 5.68
N GLU B 47 1.99 -22.21 5.12
CA GLU B 47 0.84 -22.55 5.94
C GLU B 47 -0.09 -23.43 5.17
N VAL B 48 -0.58 -24.45 5.84
CA VAL B 48 -1.51 -25.37 5.23
C VAL B 48 -2.66 -25.53 6.17
N ASN B 49 -3.85 -25.68 5.60
CA ASN B 49 -5.07 -25.88 6.37
C ASN B 49 -5.89 -26.88 5.58
N GLU B 50 -5.90 -28.12 6.05
CA GLU B 50 -6.64 -29.17 5.35
C GLU B 50 -8.14 -29.00 5.48
N ILE B 51 -8.55 -28.33 6.55
CA ILE B 51 -9.95 -28.08 6.82
C ILE B 51 -10.52 -27.09 5.80
N THR B 52 -9.76 -26.02 5.54
CA THR B 52 -10.19 -24.99 4.60
C THR B 52 -9.59 -25.13 3.21
N ASN B 53 -8.66 -26.06 3.02
CA ASN B 53 -8.06 -26.26 1.70
C ASN B 53 -7.43 -24.95 1.18
N GLU B 54 -6.55 -24.37 2.00
CA GLU B 54 -5.87 -23.15 1.64
C GLU B 54 -4.39 -23.30 1.88
N VAL B 55 -3.59 -22.85 0.93
CA VAL B 55 -2.15 -22.95 1.04
C VAL B 55 -1.47 -21.59 0.92
N ASP B 56 -0.41 -21.41 1.69
CA ASP B 56 0.37 -20.19 1.68
C ASP B 56 1.74 -20.67 1.22
N VAL B 57 2.07 -20.37 -0.02
CA VAL B 57 3.32 -20.82 -0.62
C VAL B 57 4.17 -19.72 -1.25
N VAL B 58 5.47 -20.00 -1.37
CA VAL B 58 6.43 -19.08 -1.99
C VAL B 58 7.04 -19.78 -3.19
N PHE B 59 7.22 -19.06 -4.31
CA PHE B 59 7.79 -19.68 -5.48
C PHE B 59 8.36 -18.68 -6.46
N TRP B 60 9.15 -19.16 -7.40
CA TRP B 60 9.72 -18.30 -8.42
C TRP B 60 8.90 -18.46 -9.66
N GLN B 61 8.23 -17.39 -10.07
CA GLN B 61 7.41 -17.45 -11.26
C GLN B 61 8.29 -17.13 -12.45
N GLN B 62 9.15 -18.09 -12.76
CA GLN B 62 10.08 -17.97 -13.87
C GLN B 62 9.33 -17.85 -15.19
N THR B 63 9.33 -16.64 -15.74
CA THR B 63 8.62 -16.36 -16.98
C THR B 63 9.58 -15.95 -18.10
N THR B 64 9.23 -16.34 -19.33
CA THR B 64 10.06 -16.01 -20.47
C THR B 64 9.26 -15.81 -21.73
N TRP B 65 9.66 -14.82 -22.52
CA TRP B 65 8.97 -14.54 -23.77
C TRP B 65 9.91 -13.72 -24.63
N SER B 66 9.47 -13.36 -25.82
CA SER B 66 10.32 -12.64 -26.73
C SER B 66 9.68 -11.36 -27.27
N ASP B 67 10.46 -10.29 -27.26
CA ASP B 67 10.04 -8.98 -27.75
C ASP B 67 11.16 -8.46 -28.63
N ARG B 68 11.04 -8.70 -29.93
CA ARG B 68 12.04 -8.27 -30.90
C ARG B 68 12.25 -6.77 -31.02
N THR B 69 11.32 -5.96 -30.53
CA THR B 69 11.50 -4.51 -30.63
C THR B 69 12.54 -4.02 -29.63
N LEU B 70 12.99 -4.93 -28.77
CA LEU B 70 13.98 -4.62 -27.74
C LEU B 70 15.37 -5.06 -28.20
N ALA B 71 15.42 -5.85 -29.27
CA ALA B 71 16.68 -6.35 -29.80
C ALA B 71 17.60 -5.25 -30.28
N TRP B 72 18.90 -5.46 -30.14
CA TRP B 72 19.89 -4.50 -30.57
C TRP B 72 21.15 -5.29 -30.90
N ASN B 73 22.04 -4.70 -31.68
CA ASN B 73 23.29 -5.36 -32.07
C ASN B 73 24.28 -5.38 -30.90
N SER B 74 24.59 -6.56 -30.42
CA SER B 74 25.50 -6.68 -29.27
C SER B 74 26.87 -7.22 -29.68
N SER B 75 27.18 -7.04 -30.96
CA SER B 75 28.44 -7.51 -31.49
C SER B 75 29.58 -6.72 -30.84
N HIS B 76 29.32 -5.46 -30.49
CA HIS B 76 30.32 -4.61 -29.86
C HIS B 76 29.84 -3.95 -28.59
N SER B 77 29.12 -4.72 -27.78
CA SER B 77 28.57 -4.27 -26.51
C SER B 77 27.99 -5.45 -25.74
N PRO B 78 27.49 -5.20 -24.50
CA PRO B 78 26.90 -6.24 -23.67
C PRO B 78 25.79 -6.99 -24.37
N ASP B 79 25.52 -8.21 -23.89
CA ASP B 79 24.48 -9.05 -24.48
C ASP B 79 23.17 -8.95 -23.74
N GLN B 80 23.29 -8.60 -22.46
CA GLN B 80 22.18 -8.49 -21.53
C GLN B 80 22.21 -7.26 -20.64
N VAL B 81 21.03 -6.87 -20.18
CA VAL B 81 20.88 -5.74 -19.28
C VAL B 81 19.67 -5.98 -18.39
N SER B 82 19.67 -5.35 -17.22
CA SER B 82 18.55 -5.48 -16.31
C SER B 82 17.62 -4.30 -16.56
N VAL B 83 16.38 -4.58 -16.92
CA VAL B 83 15.41 -3.54 -17.20
C VAL B 83 14.25 -3.58 -16.23
N PRO B 84 13.81 -2.40 -15.76
CA PRO B 84 12.68 -2.39 -14.83
C PRO B 84 11.43 -2.89 -15.53
N ILE B 85 10.64 -3.69 -14.82
CA ILE B 85 9.42 -4.25 -15.35
C ILE B 85 8.48 -3.23 -15.95
N SER B 86 8.49 -2.04 -15.38
CA SER B 86 7.65 -0.93 -15.82
C SER B 86 8.01 -0.33 -17.18
N SER B 87 9.18 -0.68 -17.71
CA SER B 87 9.61 -0.15 -18.99
C SER B 87 9.41 -1.16 -20.11
N LEU B 88 8.88 -2.33 -19.76
CA LEU B 88 8.65 -3.41 -20.73
C LEU B 88 7.19 -3.84 -20.70
N TRP B 89 6.78 -4.55 -21.74
CA TRP B 89 5.44 -5.08 -21.80
C TRP B 89 5.63 -6.36 -21.03
N VAL B 90 4.64 -6.73 -20.24
CA VAL B 90 4.74 -7.96 -19.47
C VAL B 90 3.43 -8.73 -19.56
N PRO B 91 3.51 -10.06 -19.62
CA PRO B 91 2.33 -10.94 -19.71
C PRO B 91 1.39 -10.67 -18.55
N ASP B 92 0.11 -10.53 -18.87
CA ASP B 92 -0.89 -10.29 -17.84
C ASP B 92 -1.35 -11.62 -17.23
N LEU B 93 -0.37 -12.38 -16.74
CA LEU B 93 -0.65 -13.65 -16.12
C LEU B 93 -1.38 -13.52 -14.79
N ALA B 94 -2.16 -14.54 -14.46
CA ALA B 94 -2.92 -14.56 -13.22
C ALA B 94 -3.10 -15.99 -12.76
N ALA B 95 -2.95 -16.24 -11.46
CA ALA B 95 -3.18 -17.58 -10.94
C ALA B 95 -4.68 -17.69 -10.67
N TYR B 96 -5.38 -18.44 -11.51
CA TYR B 96 -6.81 -18.62 -11.41
C TYR B 96 -7.38 -18.96 -10.02
N ASN B 97 -6.65 -19.74 -9.23
CA ASN B 97 -7.14 -20.08 -7.90
C ASN B 97 -6.40 -19.38 -6.79
N ALA B 98 -5.80 -18.25 -7.11
CA ALA B 98 -5.07 -17.45 -6.12
C ALA B 98 -6.14 -16.83 -5.24
N ILE B 99 -5.89 -16.88 -3.94
CA ILE B 99 -6.83 -16.39 -2.94
C ILE B 99 -6.43 -15.00 -2.41
N SER B 100 -5.22 -14.58 -2.75
CA SER B 100 -4.68 -13.31 -2.33
C SER B 100 -3.90 -12.79 -3.53
N LYS B 101 -3.50 -11.53 -3.51
CA LYS B 101 -2.73 -11.05 -4.62
C LYS B 101 -1.26 -11.39 -4.40
N PRO B 102 -0.46 -11.39 -5.47
CA PRO B 102 0.96 -11.71 -5.37
C PRO B 102 1.75 -10.74 -4.54
N GLU B 103 2.52 -11.27 -3.61
CA GLU B 103 3.37 -10.42 -2.80
C GLU B 103 4.73 -10.66 -3.42
N VAL B 104 5.14 -9.78 -4.34
CA VAL B 104 6.43 -9.89 -4.99
C VAL B 104 7.50 -9.54 -3.98
N LEU B 105 8.34 -10.52 -3.66
CA LEU B 105 9.39 -10.35 -2.66
C LEU B 105 10.71 -9.82 -3.20
N THR B 106 10.85 -9.78 -4.51
CA THR B 106 12.10 -9.36 -5.11
C THR B 106 12.02 -8.14 -6.01
N PRO B 107 13.17 -7.54 -6.32
CA PRO B 107 13.21 -6.34 -7.18
C PRO B 107 12.47 -6.65 -8.46
N GLN B 108 11.63 -5.74 -8.90
CA GLN B 108 10.89 -5.99 -10.11
C GLN B 108 11.63 -5.60 -11.36
N LEU B 109 12.74 -6.31 -11.58
CA LEU B 109 13.61 -6.11 -12.74
C LEU B 109 13.57 -7.35 -13.60
N ALA B 110 13.66 -7.16 -14.90
CA ALA B 110 13.69 -8.27 -15.83
C ALA B 110 15.05 -8.28 -16.48
N ARG B 111 15.36 -9.36 -17.19
CA ARG B 111 16.65 -9.46 -17.84
C ARG B 111 16.38 -9.50 -19.34
N VAL B 112 17.04 -8.62 -20.08
CA VAL B 112 16.83 -8.58 -21.51
C VAL B 112 18.08 -8.91 -22.32
N VAL B 113 17.96 -9.92 -23.18
CA VAL B 113 19.08 -10.36 -24.03
C VAL B 113 19.00 -9.61 -25.36
N SER B 114 20.15 -9.26 -25.92
CA SER B 114 20.19 -8.51 -27.18
C SER B 114 19.30 -8.99 -28.31
N ASP B 115 18.91 -10.26 -28.29
CA ASP B 115 18.06 -10.79 -29.35
C ASP B 115 16.56 -10.61 -29.10
N GLY B 116 16.22 -9.85 -28.06
CA GLY B 116 14.82 -9.59 -27.75
C GLY B 116 14.20 -10.58 -26.78
N GLU B 117 15.01 -11.50 -26.26
CA GLU B 117 14.50 -12.49 -25.32
C GLU B 117 14.39 -11.81 -23.97
N VAL B 118 13.28 -12.04 -23.29
CA VAL B 118 13.05 -11.44 -21.98
C VAL B 118 12.86 -12.51 -20.91
N LEU B 119 13.53 -12.33 -19.78
CA LEU B 119 13.41 -13.29 -18.69
C LEU B 119 13.06 -12.55 -17.39
N TYR B 120 11.90 -12.85 -16.84
CA TYR B 120 11.45 -12.24 -15.58
C TYR B 120 11.12 -13.34 -14.61
N MET B 121 11.84 -13.39 -13.50
CA MET B 121 11.62 -14.43 -12.51
C MET B 121 11.53 -13.86 -11.10
N PRO B 122 10.35 -13.36 -10.72
CA PRO B 122 10.15 -12.79 -9.39
C PRO B 122 9.82 -13.86 -8.38
N SER B 123 10.17 -13.65 -7.11
CA SER B 123 9.83 -14.60 -6.08
C SER B 123 8.51 -14.15 -5.49
N ILE B 124 7.50 -15.00 -5.54
CA ILE B 124 6.19 -14.64 -5.06
C ILE B 124 5.63 -15.46 -3.91
N ARG B 125 5.04 -14.78 -2.93
CA ARG B 125 4.40 -15.47 -1.83
C ARG B 125 2.91 -15.22 -2.12
N GLN B 126 2.10 -16.26 -2.09
CA GLN B 126 0.69 -16.07 -2.41
C GLN B 126 -0.17 -17.22 -1.90
N ARG B 127 -1.42 -16.95 -1.59
CA ARG B 127 -2.31 -17.99 -1.10
C ARG B 127 -3.18 -18.55 -2.19
N PHE B 128 -3.47 -19.84 -2.10
CA PHE B 128 -4.30 -20.50 -3.09
C PHE B 128 -5.35 -21.39 -2.50
N SER B 129 -6.38 -21.64 -3.30
CA SER B 129 -7.48 -22.51 -2.93
C SER B 129 -7.28 -23.77 -3.78
N CYS B 130 -6.89 -24.87 -3.14
CA CYS B 130 -6.65 -26.12 -3.84
C CYS B 130 -6.81 -27.32 -2.88
N ASP B 131 -6.63 -28.53 -3.41
CA ASP B 131 -6.80 -29.73 -2.61
C ASP B 131 -5.65 -29.96 -1.65
N VAL B 132 -5.95 -29.78 -0.36
CA VAL B 132 -4.96 -29.97 0.70
C VAL B 132 -5.11 -31.34 1.35
N SER B 133 -6.29 -31.94 1.22
CA SER B 133 -6.55 -33.26 1.82
C SER B 133 -5.40 -34.23 1.51
N GLY B 134 -4.88 -34.88 2.55
CA GLY B 134 -3.81 -35.82 2.34
C GLY B 134 -2.44 -35.24 2.69
N VAL B 135 -2.40 -33.96 3.04
CA VAL B 135 -1.15 -33.32 3.40
C VAL B 135 -0.35 -34.16 4.37
N ASP B 136 -1.00 -34.62 5.43
CA ASP B 136 -0.33 -35.44 6.41
C ASP B 136 -0.57 -36.92 6.07
N THR B 137 -0.02 -37.32 4.95
CA THR B 137 -0.15 -38.67 4.43
C THR B 137 1.13 -39.00 3.69
N GLU B 138 1.38 -40.29 3.45
CA GLU B 138 2.57 -40.74 2.74
C GLU B 138 2.46 -40.32 1.28
N SER B 139 1.25 -40.46 0.73
CA SER B 139 1.00 -40.07 -0.65
C SER B 139 0.80 -38.53 -0.70
N GLY B 140 0.58 -37.93 0.48
CA GLY B 140 0.41 -36.50 0.56
C GLY B 140 -0.73 -35.89 -0.24
N ALA B 141 -0.70 -34.57 -0.40
CA ALA B 141 -1.73 -33.85 -1.14
C ALA B 141 -1.22 -33.34 -2.48
N THR B 142 -2.15 -33.05 -3.36
CA THR B 142 -1.84 -32.54 -4.68
C THR B 142 -2.63 -31.26 -4.91
N CYS B 143 -1.91 -30.14 -4.79
CA CYS B 143 -2.48 -28.83 -4.95
C CYS B 143 -2.16 -28.35 -6.36
N ARG B 144 -3.20 -28.14 -7.17
CA ARG B 144 -2.99 -27.69 -8.53
C ARG B 144 -3.26 -26.20 -8.65
N ILE B 145 -2.34 -25.51 -9.32
CA ILE B 145 -2.43 -24.08 -9.51
C ILE B 145 -2.42 -23.79 -11.00
N LYS B 146 -3.47 -23.14 -11.51
CA LYS B 146 -3.54 -22.83 -12.94
C LYS B 146 -3.32 -21.34 -13.19
N ILE B 147 -2.35 -21.00 -14.05
CA ILE B 147 -2.11 -19.60 -14.35
C ILE B 147 -1.97 -19.32 -15.84
N GLY B 148 -2.63 -18.26 -16.32
CA GLY B 148 -2.57 -17.91 -17.72
C GLY B 148 -2.97 -16.47 -17.93
N SER B 149 -2.87 -15.97 -19.16
CA SER B 149 -3.25 -14.59 -19.46
C SER B 149 -4.69 -14.33 -19.06
N TRP B 150 -4.94 -13.13 -18.53
CA TRP B 150 -6.26 -12.77 -18.07
C TRP B 150 -7.09 -12.15 -19.18
N THR B 151 -6.45 -11.43 -20.08
CA THR B 151 -7.21 -10.77 -21.14
C THR B 151 -6.88 -11.22 -22.55
N HIS B 152 -5.79 -11.95 -22.72
CA HIS B 152 -5.42 -12.40 -24.05
C HIS B 152 -5.70 -13.87 -24.30
N HIS B 153 -6.42 -14.16 -25.36
CA HIS B 153 -6.73 -15.53 -25.71
C HIS B 153 -5.55 -16.17 -26.48
N SER B 154 -5.72 -17.44 -26.81
CA SER B 154 -4.70 -18.24 -27.50
C SER B 154 -4.12 -17.67 -28.79
N ARG B 155 -4.87 -16.80 -29.46
CA ARG B 155 -4.38 -16.24 -30.71
C ARG B 155 -3.40 -15.10 -30.49
N GLU B 156 -3.38 -14.56 -29.27
CA GLU B 156 -2.50 -13.44 -28.93
C GLU B 156 -1.41 -13.92 -27.99
N ILE B 157 -1.81 -14.65 -26.97
CA ILE B 157 -0.83 -15.20 -26.02
C ILE B 157 -1.04 -16.69 -25.88
N SER B 158 0.07 -17.42 -25.82
CA SER B 158 0.03 -18.86 -25.64
C SER B 158 1.05 -19.13 -24.55
N VAL B 159 0.68 -19.96 -23.58
CA VAL B 159 1.56 -20.30 -22.46
C VAL B 159 1.98 -21.76 -22.60
N ASP B 160 3.22 -22.06 -22.23
CA ASP B 160 3.74 -23.43 -22.33
C ASP B 160 4.68 -23.75 -21.17
N PRO B 161 4.64 -25.00 -20.65
CA PRO B 161 5.53 -25.36 -19.54
C PRO B 161 6.99 -25.48 -20.03
N THR B 162 7.89 -25.84 -19.13
CA THR B 162 9.31 -25.95 -19.48
C THR B 162 10.09 -27.08 -18.78
N THR B 163 11.41 -26.90 -18.72
CA THR B 163 12.39 -27.84 -18.11
C THR B 163 11.89 -28.78 -17.01
N GLU B 164 11.62 -30.03 -17.40
CA GLU B 164 11.12 -31.04 -16.47
C GLU B 164 12.26 -31.76 -15.72
N ASN B 165 13.49 -31.60 -16.21
CA ASN B 165 14.62 -32.27 -15.57
C ASN B 165 14.80 -31.72 -14.15
N SER B 166 15.49 -30.58 -14.04
CA SER B 166 15.77 -29.90 -12.76
C SER B 166 15.06 -30.52 -11.55
N ASP B 167 15.83 -30.94 -10.55
CA ASP B 167 15.21 -31.54 -9.36
C ASP B 167 14.13 -30.62 -8.83
N ASP B 168 12.90 -31.14 -8.75
CA ASP B 168 11.74 -30.38 -8.28
C ASP B 168 11.93 -29.67 -6.96
N SER B 169 12.95 -30.00 -6.19
CA SER B 169 13.12 -29.28 -4.93
C SER B 169 14.55 -28.83 -4.67
N GLU B 170 15.29 -28.52 -5.73
CA GLU B 170 16.66 -28.08 -5.55
C GLU B 170 16.71 -26.64 -5.01
N TYR B 171 15.58 -25.94 -5.02
CA TYR B 171 15.52 -24.58 -4.50
C TYR B 171 14.62 -24.54 -3.29
N PHE B 172 13.98 -25.66 -3.00
CA PHE B 172 13.07 -25.73 -1.86
C PHE B 172 13.79 -25.53 -0.55
N SER B 173 13.14 -24.84 0.38
CA SER B 173 13.74 -24.60 1.68
C SER B 173 13.77 -25.92 2.44
N GLN B 174 14.85 -26.15 3.16
CA GLN B 174 15.01 -27.37 3.91
C GLN B 174 14.35 -27.25 5.27
N TYR B 175 14.16 -26.03 5.73
CA TYR B 175 13.55 -25.82 7.02
C TYR B 175 12.03 -25.80 6.99
N SER B 176 11.49 -26.00 5.80
CA SER B 176 10.05 -26.02 5.61
C SER B 176 9.41 -27.13 6.42
N ARG B 177 8.23 -26.85 6.93
CA ARG B 177 7.50 -27.81 7.73
C ARG B 177 7.04 -28.95 6.82
N PHE B 178 7.12 -28.72 5.51
CA PHE B 178 6.69 -29.73 4.55
C PHE B 178 7.79 -30.15 3.60
N GLU B 179 7.47 -31.09 2.72
CA GLU B 179 8.44 -31.59 1.75
C GLU B 179 7.73 -31.88 0.42
N ILE B 180 8.48 -31.82 -0.67
CA ILE B 180 7.89 -32.06 -1.98
C ILE B 180 8.15 -33.45 -2.54
N LEU B 181 7.07 -34.10 -2.95
CA LEU B 181 7.19 -35.42 -3.52
C LEU B 181 7.45 -35.23 -5.01
N ASP B 182 6.57 -34.52 -5.69
CA ASP B 182 6.76 -34.30 -7.11
C ASP B 182 6.00 -33.07 -7.62
N VAL B 183 6.49 -32.52 -8.73
CA VAL B 183 5.89 -31.35 -9.35
C VAL B 183 5.82 -31.59 -10.85
N THR B 184 4.64 -31.42 -11.42
CA THR B 184 4.47 -31.58 -12.87
C THR B 184 3.63 -30.43 -13.41
N GLN B 185 3.90 -30.04 -14.66
CA GLN B 185 3.17 -28.95 -15.29
C GLN B 185 2.62 -29.40 -16.63
N LYS B 186 1.31 -29.24 -16.84
CA LYS B 186 0.68 -29.65 -18.10
C LYS B 186 -0.18 -28.51 -18.62
N LYS B 187 0.17 -27.95 -19.77
CA LYS B 187 -0.59 -26.84 -20.31
C LYS B 187 -2.00 -27.24 -20.75
N ASN B 188 -2.93 -26.28 -20.77
CA ASN B 188 -4.30 -26.54 -21.18
C ASN B 188 -4.80 -25.47 -22.14
N SER B 189 -6.04 -25.62 -22.59
CA SER B 189 -6.63 -24.65 -23.50
C SER B 189 -8.13 -24.77 -23.29
N VAL B 190 -8.68 -23.79 -22.59
CA VAL B 190 -10.10 -23.77 -22.26
C VAL B 190 -10.93 -22.70 -22.94
N THR B 191 -12.18 -23.04 -23.26
CA THR B 191 -13.09 -22.07 -23.82
C THR B 191 -14.15 -21.95 -22.71
N TYR B 192 -14.45 -20.72 -22.30
CA TYR B 192 -15.43 -20.52 -21.23
C TYR B 192 -16.71 -19.95 -21.79
N SER B 193 -17.83 -20.39 -21.25
CA SER B 193 -19.14 -19.90 -21.69
C SER B 193 -19.13 -18.36 -21.65
N CYS B 194 -18.48 -17.81 -20.63
CA CYS B 194 -18.38 -16.37 -20.47
C CYS B 194 -17.73 -15.74 -21.66
N CYS B 195 -16.74 -16.46 -22.15
CA CYS B 195 -15.90 -15.91 -23.17
C CYS B 195 -15.69 -16.69 -24.49
N PRO B 196 -15.99 -16.01 -25.62
CA PRO B 196 -15.92 -16.45 -27.03
C PRO B 196 -14.70 -17.29 -27.46
N GLU B 197 -13.51 -16.75 -27.28
CA GLU B 197 -12.27 -17.44 -27.69
C GLU B 197 -11.73 -18.39 -26.62
N ALA B 198 -10.62 -19.04 -26.92
CA ALA B 198 -10.00 -19.98 -25.98
C ALA B 198 -8.86 -19.35 -25.18
N TYR B 199 -8.71 -19.77 -23.91
CA TYR B 199 -7.65 -19.23 -23.06
C TYR B 199 -6.72 -20.30 -22.50
N GLU B 200 -5.50 -20.34 -23.04
CA GLU B 200 -4.47 -21.29 -22.63
C GLU B 200 -3.99 -20.97 -21.22
N ASP B 201 -3.54 -21.99 -20.50
CA ASP B 201 -3.04 -21.83 -19.16
C ASP B 201 -2.18 -23.03 -18.79
N VAL B 202 -1.23 -22.83 -17.90
CA VAL B 202 -0.37 -23.91 -17.45
C VAL B 202 -0.85 -24.39 -16.09
N GLU B 203 -1.09 -25.68 -15.94
CA GLU B 203 -1.54 -26.20 -14.67
C GLU B 203 -0.35 -26.86 -14.00
N VAL B 204 -0.04 -26.42 -12.79
CA VAL B 204 1.08 -26.98 -12.05
C VAL B 204 0.55 -27.76 -10.88
N SER B 205 0.91 -29.03 -10.78
CA SER B 205 0.44 -29.86 -9.69
C SER B 205 1.53 -30.02 -8.66
N LEU B 206 1.24 -29.57 -7.45
CA LEU B 206 2.19 -29.66 -6.37
C LEU B 206 1.86 -30.80 -5.44
N ASN B 207 2.58 -31.90 -5.59
CA ASN B 207 2.37 -33.04 -4.73
C ASN B 207 3.40 -32.93 -3.63
N PHE B 208 2.91 -32.64 -2.42
CA PHE B 208 3.77 -32.48 -1.26
C PHE B 208 3.04 -33.11 -0.09
N ARG B 209 3.72 -33.13 1.05
CA ARG B 209 3.15 -33.69 2.27
C ARG B 209 3.91 -33.15 3.48
N LYS B 210 3.30 -33.23 4.65
CA LYS B 210 3.96 -32.77 5.86
C LYS B 210 5.11 -33.73 6.11
N LYS B 211 6.11 -33.27 6.84
CA LYS B 211 7.25 -34.12 7.16
C LYS B 211 6.74 -35.16 8.15
N GLY B 212 6.82 -36.43 7.75
CA GLY B 212 6.39 -37.54 8.58
C GLY B 212 7.31 -37.80 9.77
N PHE C 8 -3.76 -0.83 -39.83
CA PHE C 8 -3.78 -0.52 -38.37
C PHE C 8 -3.50 -1.74 -37.50
N ASP C 9 -2.42 -1.69 -36.72
CA ASP C 9 -2.08 -2.81 -35.84
C ASP C 9 -2.25 -2.35 -34.38
N ARG C 10 -2.35 -3.33 -33.48
CA ARG C 10 -2.53 -3.08 -32.05
C ARG C 10 -1.81 -1.86 -31.51
N ALA C 11 -0.56 -1.66 -31.91
CA ALA C 11 0.17 -0.51 -31.42
C ALA C 11 -0.58 0.76 -31.78
N ASP C 12 -0.98 0.86 -33.04
CA ASP C 12 -1.69 2.04 -33.50
C ASP C 12 -3.02 2.16 -32.78
N ILE C 13 -3.67 1.02 -32.53
CA ILE C 13 -4.96 1.04 -31.87
C ILE C 13 -4.85 1.52 -30.43
N LEU C 14 -3.98 0.88 -29.67
CA LEU C 14 -3.79 1.24 -28.27
C LEU C 14 -3.32 2.69 -28.17
N TYR C 15 -2.39 3.06 -29.04
CA TYR C 15 -1.85 4.40 -29.08
C TYR C 15 -2.93 5.47 -29.24
N ASN C 16 -3.92 5.20 -30.09
CA ASN C 16 -5.00 6.15 -30.29
C ASN C 16 -5.85 6.29 -29.06
N ILE C 17 -6.35 5.16 -28.57
CA ILE C 17 -7.19 5.16 -27.37
C ILE C 17 -6.48 5.88 -26.23
N ARG C 18 -5.20 5.62 -26.08
CA ARG C 18 -4.41 6.24 -25.02
C ARG C 18 -4.32 7.75 -25.19
N GLN C 19 -4.04 8.17 -26.42
CA GLN C 19 -3.88 9.59 -26.74
C GLN C 19 -5.17 10.41 -26.76
N THR C 20 -6.30 9.75 -27.01
CA THR C 20 -7.56 10.47 -27.10
C THR C 20 -8.54 10.22 -25.95
N SER C 21 -8.38 9.10 -25.26
CA SER C 21 -9.30 8.78 -24.17
C SER C 21 -9.23 9.72 -22.96
N ARG C 22 -10.33 9.74 -22.21
CA ARG C 22 -10.47 10.57 -21.04
C ARG C 22 -11.20 9.77 -19.96
N PRO C 23 -10.43 9.12 -19.09
CA PRO C 23 -10.97 8.29 -18.01
C PRO C 23 -11.92 9.02 -17.07
N ASP C 24 -11.86 10.34 -17.03
CA ASP C 24 -12.72 11.11 -16.14
C ASP C 24 -14.06 11.50 -16.73
N VAL C 25 -14.31 11.10 -17.98
CA VAL C 25 -15.55 11.47 -18.63
C VAL C 25 -16.42 10.30 -19.02
N ILE C 26 -17.60 10.24 -18.43
CA ILE C 26 -18.59 9.21 -18.69
C ILE C 26 -19.05 9.30 -20.15
N PRO C 27 -19.00 8.17 -20.90
CA PRO C 27 -19.39 8.08 -22.31
C PRO C 27 -20.89 8.26 -22.55
N THR C 28 -21.47 9.30 -21.98
CA THR C 28 -22.89 9.57 -22.13
C THR C 28 -23.26 10.21 -23.48
N GLN C 29 -24.33 9.70 -24.07
CA GLN C 29 -24.85 10.19 -25.35
C GLN C 29 -26.20 10.87 -25.09
N ARG C 30 -26.21 12.21 -25.09
CA ARG C 30 -27.42 12.98 -24.82
C ARG C 30 -27.86 12.75 -23.39
N ASP C 31 -29.15 12.97 -23.11
CA ASP C 31 -29.66 12.73 -21.77
C ASP C 31 -29.70 11.22 -21.52
N ARG C 32 -29.28 10.44 -22.52
CA ARG C 32 -29.26 9.00 -22.42
C ARG C 32 -28.20 8.53 -21.42
N PRO C 33 -28.57 7.65 -20.48
CA PRO C 33 -27.64 7.13 -19.48
C PRO C 33 -26.72 6.13 -20.15
N VAL C 34 -25.66 5.75 -19.45
CA VAL C 34 -24.75 4.75 -19.97
C VAL C 34 -25.27 3.43 -19.46
N ALA C 35 -25.49 2.48 -20.36
CA ALA C 35 -26.00 1.19 -19.96
C ALA C 35 -24.87 0.25 -19.55
N VAL C 36 -24.76 0.05 -18.25
CA VAL C 36 -23.75 -0.81 -17.65
C VAL C 36 -24.42 -2.06 -17.13
N SER C 37 -23.91 -3.20 -17.54
CA SER C 37 -24.45 -4.46 -17.09
C SER C 37 -23.42 -5.07 -16.15
N VAL C 38 -23.90 -5.53 -15.01
CA VAL C 38 -23.07 -6.16 -13.98
C VAL C 38 -23.49 -7.60 -13.79
N SER C 39 -22.51 -8.46 -13.53
CA SER C 39 -22.80 -9.86 -13.32
C SER C 39 -21.72 -10.50 -12.48
N LEU C 40 -22.07 -10.93 -11.26
CA LEU C 40 -21.08 -11.58 -10.39
C LEU C 40 -21.08 -13.08 -10.63
N LYS C 41 -19.88 -13.66 -10.71
CA LYS C 41 -19.76 -15.10 -10.91
C LYS C 41 -18.92 -15.53 -9.73
N PHE C 42 -19.53 -16.21 -8.77
CA PHE C 42 -18.79 -16.62 -7.60
C PHE C 42 -17.79 -17.71 -7.87
N ILE C 43 -16.59 -17.48 -7.39
CA ILE C 43 -15.49 -18.39 -7.56
C ILE C 43 -15.21 -19.12 -6.27
N ASN C 44 -15.47 -18.45 -5.15
CA ASN C 44 -15.22 -19.09 -3.87
C ASN C 44 -15.82 -18.34 -2.66
N ILE C 45 -16.06 -19.08 -1.59
CA ILE C 45 -16.60 -18.53 -0.35
C ILE C 45 -15.57 -19.00 0.66
N LEU C 46 -14.82 -18.05 1.21
CA LEU C 46 -13.73 -18.37 2.12
C LEU C 46 -13.97 -18.40 3.61
N GLU C 47 -14.66 -17.40 4.13
CA GLU C 47 -14.93 -17.39 5.56
C GLU C 47 -16.33 -16.95 5.82
N VAL C 48 -16.97 -17.64 6.74
CA VAL C 48 -18.32 -17.32 7.10
C VAL C 48 -18.37 -17.25 8.61
N ASN C 49 -19.19 -16.35 9.12
CA ASN C 49 -19.37 -16.16 10.55
C ASN C 49 -20.85 -15.85 10.72
N GLU C 50 -21.60 -16.85 11.16
CA GLU C 50 -23.03 -16.67 11.33
C GLU C 50 -23.34 -15.79 12.52
N ILE C 51 -22.40 -15.72 13.47
CA ILE C 51 -22.56 -14.89 14.66
C ILE C 51 -22.49 -13.41 14.28
N THR C 52 -21.53 -13.06 13.43
CA THR C 52 -21.32 -11.69 13.02
C THR C 52 -21.95 -11.34 11.68
N ASN C 53 -22.45 -12.35 10.96
CA ASN C 53 -23.05 -12.10 9.66
C ASN C 53 -22.06 -11.40 8.72
N GLU C 54 -20.90 -12.02 8.54
CA GLU C 54 -19.87 -11.48 7.68
C GLU C 54 -19.37 -12.58 6.74
N VAL C 55 -19.20 -12.22 5.49
CA VAL C 55 -18.73 -13.19 4.51
C VAL C 55 -17.50 -12.71 3.79
N ASP C 56 -16.60 -13.65 3.51
CA ASP C 56 -15.36 -13.36 2.81
C ASP C 56 -15.51 -14.19 1.54
N VAL C 57 -15.77 -13.52 0.43
CA VAL C 57 -15.99 -14.20 -0.84
C VAL C 57 -15.15 -13.68 -2.01
N VAL C 58 -14.98 -14.54 -3.01
CA VAL C 58 -14.24 -14.22 -4.23
C VAL C 58 -15.19 -14.33 -5.41
N PHE C 59 -15.11 -13.39 -6.36
CA PHE C 59 -16.01 -13.45 -7.50
C PHE C 59 -15.49 -12.65 -8.68
N TRP C 60 -16.07 -12.88 -9.85
CA TRP C 60 -15.69 -12.15 -11.04
C TRP C 60 -16.74 -11.09 -11.25
N GLN C 61 -16.34 -9.83 -11.12
CA GLN C 61 -17.26 -8.74 -11.30
C GLN C 61 -17.31 -8.41 -12.79
N GLN C 62 -17.93 -9.31 -13.52
CA GLN C 62 -18.08 -9.18 -14.96
C GLN C 62 -18.89 -7.93 -15.31
N THR C 63 -18.21 -6.90 -15.80
CA THR C 63 -18.87 -5.64 -16.14
C THR C 63 -18.79 -5.35 -17.62
N THR C 64 -19.81 -4.69 -18.15
CA THR C 64 -19.83 -4.35 -19.56
C THR C 64 -20.59 -3.07 -19.85
N TRP C 65 -20.06 -2.27 -20.77
CA TRP C 65 -20.70 -1.03 -21.14
C TRP C 65 -20.16 -0.61 -22.48
N SER C 66 -20.66 0.51 -23.00
CA SER C 66 -20.24 0.95 -24.31
C SER C 66 -19.71 2.37 -24.35
N ASP C 67 -18.57 2.54 -25.01
CA ASP C 67 -17.93 3.84 -25.17
C ASP C 67 -17.58 3.97 -26.64
N ARG C 68 -18.45 4.64 -27.38
CA ARG C 68 -18.25 4.83 -28.82
C ARG C 68 -17.02 5.66 -29.22
N THR C 69 -16.48 6.46 -28.30
CA THR C 69 -15.31 7.27 -28.64
C THR C 69 -14.07 6.39 -28.77
N LEU C 70 -14.22 5.12 -28.44
CA LEU C 70 -13.13 4.15 -28.52
C LEU C 70 -13.25 3.32 -29.80
N ALA C 71 -14.38 3.43 -30.47
CA ALA C 71 -14.60 2.67 -31.69
C ALA C 71 -13.58 3.05 -32.76
N TRP C 72 -13.11 2.05 -33.49
CA TRP C 72 -12.12 2.28 -34.54
C TRP C 72 -12.46 1.35 -35.69
N ASN C 73 -12.20 1.78 -36.92
CA ASN C 73 -12.49 0.93 -38.07
C ASN C 73 -11.55 -0.27 -37.98
N SER C 74 -12.07 -1.46 -38.30
CA SER C 74 -11.24 -2.65 -38.22
C SER C 74 -11.35 -3.56 -39.42
N SER C 75 -11.88 -3.04 -40.53
CA SER C 75 -12.03 -3.87 -41.72
C SER C 75 -10.69 -4.52 -42.06
N HIS C 76 -9.62 -3.97 -41.49
CA HIS C 76 -8.25 -4.48 -41.70
C HIS C 76 -7.50 -4.32 -40.37
N SER C 77 -7.85 -5.14 -39.38
CA SER C 77 -7.22 -5.06 -38.07
C SER C 77 -8.04 -5.83 -37.03
N PRO C 78 -7.44 -6.16 -35.87
CA PRO C 78 -8.21 -6.89 -34.85
C PRO C 78 -9.34 -5.99 -34.36
N ASP C 79 -10.39 -6.61 -33.86
CA ASP C 79 -11.53 -5.85 -33.38
C ASP C 79 -11.43 -5.78 -31.87
N GLN C 80 -10.35 -6.34 -31.33
CA GLN C 80 -10.15 -6.27 -29.89
C GLN C 80 -8.72 -6.04 -29.44
N VAL C 81 -8.59 -5.35 -28.31
CA VAL C 81 -7.29 -5.09 -27.73
C VAL C 81 -7.47 -5.03 -26.22
N SER C 82 -6.39 -5.27 -25.49
CA SER C 82 -6.41 -5.20 -24.04
C SER C 82 -5.92 -3.82 -23.64
N VAL C 83 -6.77 -3.08 -22.94
CA VAL C 83 -6.44 -1.73 -22.51
C VAL C 83 -6.37 -1.60 -21.01
N PRO C 84 -5.36 -0.88 -20.50
CA PRO C 84 -5.27 -0.75 -19.04
C PRO C 84 -6.46 0.07 -18.55
N ILE C 85 -7.00 -0.33 -17.40
CA ILE C 85 -8.14 0.32 -16.79
C ILE C 85 -7.94 1.81 -16.59
N SER C 86 -6.70 2.21 -16.35
CA SER C 86 -6.35 3.60 -16.15
C SER C 86 -6.43 4.48 -17.38
N SER C 87 -6.57 3.89 -18.56
CA SER C 87 -6.67 4.67 -19.79
C SER C 87 -8.10 4.77 -20.30
N LEU C 88 -9.04 4.19 -19.54
CA LEU C 88 -10.44 4.20 -19.91
C LEU C 88 -11.28 4.77 -18.78
N TRP C 89 -12.50 5.15 -19.10
CA TRP C 89 -13.42 5.64 -18.09
C TRP C 89 -13.98 4.34 -17.58
N VAL C 90 -14.21 4.25 -16.28
CA VAL C 90 -14.77 3.04 -15.73
C VAL C 90 -15.88 3.39 -14.75
N PRO C 91 -16.96 2.56 -14.71
CA PRO C 91 -18.10 2.76 -13.82
C PRO C 91 -17.65 2.83 -12.38
N ASP C 92 -18.12 3.83 -11.65
CA ASP C 92 -17.75 3.98 -10.25
C ASP C 92 -18.62 3.12 -9.36
N LEU C 93 -18.65 1.82 -9.67
CA LEU C 93 -19.46 0.88 -8.93
C LEU C 93 -18.95 0.66 -7.53
N ALA C 94 -19.85 0.33 -6.63
CA ALA C 94 -19.51 0.07 -5.24
C ALA C 94 -20.48 -0.94 -4.67
N ALA C 95 -19.99 -1.88 -3.86
CA ALA C 95 -20.86 -2.85 -3.22
C ALA C 95 -21.32 -2.19 -1.93
N TYR C 96 -22.59 -1.82 -1.89
CA TYR C 96 -23.18 -1.14 -0.75
C TYR C 96 -22.92 -1.76 0.62
N ASN C 97 -22.90 -3.09 0.68
CA ASN C 97 -22.68 -3.75 1.96
C ASN C 97 -21.30 -4.38 2.10
N ALA C 98 -20.35 -3.87 1.32
CA ALA C 98 -18.98 -4.33 1.38
C ALA C 98 -18.44 -3.82 2.70
N ILE C 99 -17.74 -4.71 3.40
CA ILE C 99 -17.16 -4.42 4.70
C ILE C 99 -15.64 -4.12 4.61
N SER C 100 -15.07 -4.35 3.44
CA SER C 100 -13.66 -4.13 3.20
C SER C 100 -13.59 -3.62 1.79
N LYS C 101 -12.45 -3.07 1.38
CA LYS C 101 -12.35 -2.62 0.00
C LYS C 101 -11.99 -3.81 -0.89
N PRO C 102 -12.25 -3.69 -2.19
CA PRO C 102 -11.97 -4.75 -3.14
C PRO C 102 -10.51 -5.08 -3.28
N GLU C 103 -10.17 -6.37 -3.16
CA GLU C 103 -8.80 -6.79 -3.33
C GLU C 103 -8.82 -7.39 -4.72
N VAL C 104 -8.46 -6.58 -5.72
CA VAL C 104 -8.42 -7.04 -7.10
C VAL C 104 -7.25 -7.99 -7.26
N LEU C 105 -7.56 -9.26 -7.54
CA LEU C 105 -6.57 -10.31 -7.67
C LEU C 105 -5.96 -10.46 -9.05
N THR C 106 -6.56 -9.81 -10.05
CA THR C 106 -6.10 -9.95 -11.41
C THR C 106 -5.62 -8.66 -12.07
N PRO C 107 -4.87 -8.78 -13.19
CA PRO C 107 -4.36 -7.61 -13.90
C PRO C 107 -5.51 -6.68 -14.18
N GLN C 108 -5.30 -5.40 -13.94
CA GLN C 108 -6.38 -4.47 -14.19
C GLN C 108 -6.46 -3.97 -15.62
N LEU C 109 -6.70 -4.93 -16.51
CA LEU C 109 -6.83 -4.68 -17.94
C LEU C 109 -8.27 -4.94 -18.38
N ALA C 110 -8.73 -4.17 -19.36
CA ALA C 110 -10.07 -4.35 -19.86
C ALA C 110 -9.93 -4.78 -21.30
N ARG C 111 -11.02 -5.24 -21.89
CA ARG C 111 -11.00 -5.68 -23.28
C ARG C 111 -11.86 -4.73 -24.07
N VAL C 112 -11.32 -4.16 -25.14
CA VAL C 112 -12.09 -3.23 -25.95
C VAL C 112 -12.30 -3.69 -27.38
N VAL C 113 -13.58 -3.78 -27.76
CA VAL C 113 -13.98 -4.21 -29.11
C VAL C 113 -14.07 -3.00 -30.01
N SER C 114 -13.69 -3.14 -31.27
CA SER C 114 -13.70 -2.04 -32.22
C SER C 114 -14.97 -1.17 -32.27
N ASP C 115 -16.09 -1.74 -31.84
CA ASP C 115 -17.35 -0.98 -31.86
C ASP C 115 -17.59 -0.15 -30.60
N GLY C 116 -16.59 -0.05 -29.74
CA GLY C 116 -16.71 0.74 -28.54
C GLY C 116 -17.24 -0.03 -27.34
N GLU C 117 -17.41 -1.33 -27.49
CA GLU C 117 -17.89 -2.16 -26.40
C GLU C 117 -16.72 -2.43 -25.47
N VAL C 118 -16.93 -2.29 -24.17
CA VAL C 118 -15.88 -2.51 -23.19
C VAL C 118 -16.26 -3.62 -22.22
N LEU C 119 -15.32 -4.52 -21.97
CA LEU C 119 -15.57 -5.62 -21.07
C LEU C 119 -14.46 -5.69 -20.01
N TYR C 120 -14.82 -5.51 -18.75
CA TYR C 120 -13.87 -5.56 -17.64
C TYR C 120 -14.37 -6.58 -16.62
N MET C 121 -13.60 -7.63 -16.42
CA MET C 121 -14.01 -8.67 -15.50
C MET C 121 -12.88 -9.05 -14.54
N PRO C 122 -12.69 -8.27 -13.46
CA PRO C 122 -11.64 -8.53 -12.48
C PRO C 122 -12.11 -9.54 -11.44
N SER C 123 -11.17 -10.30 -10.88
CA SER C 123 -11.51 -11.26 -9.85
C SER C 123 -11.32 -10.53 -8.53
N ILE C 124 -12.38 -10.43 -7.74
CA ILE C 124 -12.30 -9.72 -6.47
C ILE C 124 -12.57 -10.54 -5.21
N ARG C 125 -11.73 -10.32 -4.20
CA ARG C 125 -11.95 -10.97 -2.92
C ARG C 125 -12.42 -9.81 -2.05
N GLN C 126 -13.52 -9.98 -1.33
CA GLN C 126 -14.02 -8.88 -0.53
C GLN C 126 -14.98 -9.36 0.56
N ARG C 127 -15.03 -8.64 1.67
CA ARG C 127 -15.92 -9.04 2.76
C ARG C 127 -17.22 -8.26 2.75
N PHE C 128 -18.30 -8.93 3.13
CA PHE C 128 -19.60 -8.30 3.14
C PHE C 128 -20.38 -8.56 4.41
N SER C 129 -21.33 -7.67 4.65
CA SER C 129 -22.21 -7.79 5.80
C SER C 129 -23.56 -8.20 5.20
N CYS C 130 -23.97 -9.42 5.48
CA CYS C 130 -25.23 -9.92 4.96
C CYS C 130 -25.76 -11.05 5.83
N ASP C 131 -26.92 -11.59 5.45
CA ASP C 131 -27.53 -12.68 6.22
C ASP C 131 -26.82 -14.01 6.07
N VAL C 132 -26.15 -14.42 7.12
CA VAL C 132 -25.41 -15.67 7.13
C VAL C 132 -26.23 -16.79 7.81
N SER C 133 -27.17 -16.40 8.67
CA SER C 133 -28.00 -17.39 9.36
C SER C 133 -28.51 -18.45 8.39
N GLY C 134 -28.35 -19.71 8.76
CA GLY C 134 -28.81 -20.78 7.91
C GLY C 134 -27.72 -21.42 7.08
N VAL C 135 -26.51 -20.86 7.17
CA VAL C 135 -25.38 -21.41 6.42
C VAL C 135 -25.30 -22.91 6.58
N ASP C 136 -25.33 -23.40 7.82
CA ASP C 136 -25.25 -24.82 8.05
C ASP C 136 -26.65 -25.39 8.14
N THR C 137 -27.38 -25.31 7.03
CA THR C 137 -28.74 -25.78 6.92
C THR C 137 -28.93 -26.32 5.52
N GLU C 138 -29.98 -27.12 5.33
CA GLU C 138 -30.28 -27.68 4.01
C GLU C 138 -30.72 -26.56 3.08
N SER C 139 -31.53 -25.64 3.61
CA SER C 139 -32.01 -24.51 2.83
C SER C 139 -30.91 -23.44 2.78
N GLY C 140 -29.91 -23.59 3.65
CA GLY C 140 -28.79 -22.67 3.71
C GLY C 140 -29.11 -21.20 3.95
N ALA C 141 -28.12 -20.34 3.70
CA ALA C 141 -28.27 -18.92 3.88
C ALA C 141 -28.38 -18.17 2.57
N THR C 142 -28.92 -16.95 2.63
CA THR C 142 -29.07 -16.10 1.47
C THR C 142 -28.44 -14.74 1.76
N CYS C 143 -27.24 -14.56 1.20
CA CYS C 143 -26.49 -13.35 1.38
C CYS C 143 -26.71 -12.47 0.16
N ARG C 144 -27.30 -11.31 0.36
CA ARG C 144 -27.57 -10.40 -0.75
C ARG C 144 -26.54 -9.28 -0.79
N ILE C 145 -26.01 -9.04 -1.98
CA ILE C 145 -25.01 -8.01 -2.18
C ILE C 145 -25.52 -7.02 -3.23
N LYS C 146 -25.64 -5.76 -2.85
CA LYS C 146 -26.12 -4.72 -3.77
C LYS C 146 -25.00 -3.80 -4.24
N ILE C 147 -24.82 -3.69 -5.55
CA ILE C 147 -23.78 -2.83 -6.09
C ILE C 147 -24.27 -1.92 -7.21
N GLY C 148 -23.93 -0.64 -7.14
CA GLY C 148 -24.32 0.30 -8.17
C GLY C 148 -23.41 1.52 -8.17
N SER C 149 -23.59 2.44 -9.12
CA SER C 149 -22.76 3.64 -9.17
C SER C 149 -22.85 4.42 -7.87
N TRP C 150 -21.73 4.98 -7.47
CA TRP C 150 -21.68 5.72 -6.22
C TRP C 150 -22.05 7.18 -6.40
N THR C 151 -21.71 7.76 -7.55
CA THR C 151 -21.98 9.16 -7.77
C THR C 151 -22.95 9.48 -8.92
N HIS C 152 -23.22 8.51 -9.77
CA HIS C 152 -24.12 8.75 -10.89
C HIS C 152 -25.50 8.15 -10.69
N HIS C 153 -26.53 8.98 -10.85
CA HIS C 153 -27.90 8.52 -10.70
C HIS C 153 -28.39 7.90 -12.01
N SER C 154 -29.61 7.38 -11.97
CA SER C 154 -30.24 6.69 -13.10
C SER C 154 -30.25 7.39 -14.45
N ARG C 155 -30.14 8.72 -14.45
CA ARG C 155 -30.16 9.46 -15.71
C ARG C 155 -28.79 9.46 -16.40
N GLU C 156 -27.75 9.10 -15.65
CA GLU C 156 -26.40 9.09 -16.19
C GLU C 156 -25.91 7.66 -16.32
N ILE C 157 -26.13 6.87 -15.28
CA ILE C 157 -25.75 5.47 -15.30
C ILE C 157 -26.92 4.62 -14.88
N SER C 158 -27.09 3.51 -15.61
CA SER C 158 -28.16 2.57 -15.30
C SER C 158 -27.48 1.20 -15.30
N VAL C 159 -27.75 0.39 -14.27
CA VAL C 159 -27.17 -0.94 -14.16
C VAL C 159 -28.25 -1.98 -14.41
N ASP C 160 -27.87 -3.10 -15.04
CA ASP C 160 -28.80 -4.16 -15.35
C ASP C 160 -28.14 -5.54 -15.23
N PRO C 161 -28.89 -6.55 -14.75
CA PRO C 161 -28.29 -7.89 -14.62
C PRO C 161 -28.14 -8.54 -16.00
N THR C 162 -27.65 -9.78 -16.02
CA THR C 162 -27.44 -10.47 -17.31
C THR C 162 -27.71 -11.99 -17.29
N THR C 163 -27.07 -12.70 -18.23
CA THR C 163 -27.16 -14.15 -18.46
C THR C 163 -27.53 -15.03 -17.27
N GLU C 164 -28.81 -15.41 -17.22
CA GLU C 164 -29.31 -16.23 -16.13
C GLU C 164 -29.12 -17.74 -16.38
N ASN C 165 -28.81 -18.10 -17.63
CA ASN C 165 -28.60 -19.51 -17.97
C ASN C 165 -27.38 -20.07 -17.22
N SER C 166 -26.19 -19.83 -17.77
CA SER C 166 -24.92 -20.28 -17.19
C SER C 166 -25.07 -20.90 -15.80
N ASP C 167 -24.60 -22.14 -15.63
CA ASP C 167 -24.69 -22.81 -14.33
C ASP C 167 -24.07 -21.93 -13.25
N ASP C 168 -24.89 -21.56 -12.26
CA ASP C 168 -24.44 -20.70 -11.18
C ASP C 168 -23.14 -21.09 -10.49
N SER C 169 -22.64 -22.31 -10.71
CA SER C 169 -21.39 -22.65 -10.06
C SER C 169 -20.40 -23.34 -10.98
N GLU C 170 -20.43 -22.99 -12.25
CA GLU C 170 -19.52 -23.63 -13.19
C GLU C 170 -18.10 -23.10 -13.02
N TYR C 171 -17.95 -22.01 -12.27
CA TYR C 171 -16.63 -21.43 -12.01
C TYR C 171 -16.29 -21.55 -10.53
N PHE C 172 -17.26 -22.01 -9.75
CA PHE C 172 -17.07 -22.15 -8.31
C PHE C 172 -15.99 -23.16 -8.00
N SER C 173 -15.22 -22.90 -6.95
CA SER C 173 -14.16 -23.83 -6.56
C SER C 173 -14.80 -25.03 -5.94
N GLN C 174 -14.25 -26.20 -6.24
CA GLN C 174 -14.78 -27.45 -5.73
C GLN C 174 -14.24 -27.74 -4.34
N TYR C 175 -13.11 -27.13 -4.02
CA TYR C 175 -12.49 -27.37 -2.73
C TYR C 175 -13.01 -26.44 -1.64
N SER C 176 -13.98 -25.61 -2.02
CA SER C 176 -14.59 -24.67 -1.07
C SER C 176 -15.28 -25.43 0.05
N ARG C 177 -15.20 -24.87 1.25
CA ARG C 177 -15.81 -25.46 2.42
C ARG C 177 -17.34 -25.40 2.24
N PHE C 178 -17.80 -24.58 1.30
CA PHE C 178 -19.24 -24.41 1.09
C PHE C 178 -19.66 -24.78 -0.31
N GLU C 179 -20.97 -24.68 -0.57
CA GLU C 179 -21.51 -25.01 -1.89
C GLU C 179 -22.65 -24.05 -2.24
N ILE C 180 -22.88 -23.85 -3.53
CA ILE C 180 -23.94 -22.93 -3.96
C ILE C 180 -25.23 -23.60 -4.37
N LEU C 181 -26.32 -23.14 -3.78
CA LEU C 181 -27.61 -23.69 -4.11
C LEU C 181 -28.14 -22.94 -5.32
N ASP C 182 -28.21 -21.61 -5.22
CA ASP C 182 -28.70 -20.81 -6.33
C ASP C 182 -28.23 -19.36 -6.24
N VAL C 183 -28.18 -18.70 -7.39
CA VAL C 183 -27.78 -17.31 -7.47
C VAL C 183 -28.74 -16.58 -8.41
N THR C 184 -29.31 -15.48 -7.94
CA THR C 184 -30.22 -14.69 -8.75
C THR C 184 -29.89 -13.20 -8.61
N GLN C 185 -30.12 -12.46 -9.68
CA GLN C 185 -29.84 -11.04 -9.69
C GLN C 185 -31.06 -10.26 -10.13
N LYS C 186 -31.48 -9.28 -9.33
CA LYS C 186 -32.65 -8.47 -9.66
C LYS C 186 -32.30 -7.01 -9.47
N LYS C 187 -32.29 -6.23 -10.55
CA LYS C 187 -31.96 -4.82 -10.44
C LYS C 187 -33.02 -3.99 -9.68
N ASN C 188 -32.60 -2.88 -9.11
CA ASN C 188 -33.48 -2.02 -8.35
C ASN C 188 -33.29 -0.55 -8.73
N SER C 189 -34.06 0.32 -8.10
CA SER C 189 -33.97 1.74 -8.36
C SER C 189 -34.46 2.40 -7.11
N VAL C 190 -33.53 2.95 -6.33
CA VAL C 190 -33.85 3.59 -5.07
C VAL C 190 -33.63 5.10 -5.00
N THR C 191 -34.50 5.78 -4.27
CA THR C 191 -34.34 7.20 -4.06
C THR C 191 -34.06 7.30 -2.56
N TYR C 192 -32.97 7.99 -2.19
CA TYR C 192 -32.63 8.09 -0.78
C TYR C 192 -32.91 9.48 -0.26
N SER C 193 -33.37 9.56 0.98
CA SER C 193 -33.66 10.86 1.58
C SER C 193 -32.43 11.78 1.48
N CYS C 194 -31.25 11.19 1.58
CA CYS C 194 -29.97 11.89 1.49
C CYS C 194 -29.85 12.55 0.15
N CYS C 195 -30.32 11.81 -0.84
CA CYS C 195 -30.09 12.21 -2.20
C CYS C 195 -31.30 12.35 -3.13
N PRO C 196 -31.46 13.54 -3.75
CA PRO C 196 -32.49 13.99 -4.70
C PRO C 196 -32.94 13.03 -5.79
N GLU C 197 -32.00 12.57 -6.62
CA GLU C 197 -32.31 11.66 -7.73
C GLU C 197 -32.35 10.18 -7.34
N ALA C 198 -32.61 9.30 -8.30
CA ALA C 198 -32.68 7.88 -8.02
C ALA C 198 -31.39 7.13 -8.39
N TYR C 199 -31.02 6.13 -7.59
CA TYR C 199 -29.80 5.37 -7.86
C TYR C 199 -30.03 3.89 -8.08
N GLU C 200 -29.93 3.46 -9.33
CA GLU C 200 -30.11 2.06 -9.71
C GLU C 200 -28.98 1.19 -9.14
N ASP C 201 -29.28 -0.08 -8.91
CA ASP C 201 -28.29 -1.00 -8.39
C ASP C 201 -28.76 -2.42 -8.66
N VAL C 202 -27.82 -3.35 -8.75
CA VAL C 202 -28.14 -4.76 -8.98
C VAL C 202 -27.98 -5.51 -7.68
N GLU C 203 -29.03 -6.23 -7.29
CA GLU C 203 -28.96 -6.98 -6.05
C GLU C 203 -28.74 -8.43 -6.41
N VAL C 204 -27.69 -9.02 -5.88
CA VAL C 204 -27.37 -10.41 -6.16
C VAL C 204 -27.57 -11.21 -4.90
N SER C 205 -28.41 -12.24 -4.98
CA SER C 205 -28.67 -13.06 -3.82
C SER C 205 -27.89 -14.35 -3.92
N LEU C 206 -27.03 -14.58 -2.95
CA LEU C 206 -26.22 -15.78 -2.95
C LEU C 206 -26.78 -16.78 -1.97
N ASN C 207 -27.47 -17.78 -2.50
CA ASN C 207 -28.01 -18.82 -1.65
C ASN C 207 -27.00 -19.97 -1.65
N PHE C 208 -26.36 -20.17 -0.52
CA PHE C 208 -25.37 -21.20 -0.38
C PHE C 208 -25.52 -21.80 1.00
N ARG C 209 -24.71 -22.82 1.30
CA ARG C 209 -24.75 -23.50 2.58
C ARG C 209 -23.45 -24.26 2.75
N LYS C 210 -23.15 -24.62 3.99
CA LYS C 210 -21.95 -25.38 4.28
C LYS C 210 -22.21 -26.72 3.60
N LYS C 211 -21.22 -27.29 2.94
CA LYS C 211 -21.45 -28.55 2.28
C LYS C 211 -21.85 -29.55 3.35
N GLY C 212 -22.88 -30.34 3.07
CA GLY C 212 -23.36 -31.34 4.02
C GLY C 212 -22.80 -32.74 3.76
N PHE D 8 -21.82 23.27 -23.93
CA PHE D 8 -20.80 22.80 -22.94
C PHE D 8 -21.11 21.37 -22.44
N ASP D 9 -20.76 20.33 -23.18
CA ASP D 9 -21.04 18.97 -22.67
C ASP D 9 -20.22 18.70 -21.40
N ARG D 10 -20.17 17.44 -20.96
CA ARG D 10 -19.43 17.12 -19.74
C ARG D 10 -17.94 17.06 -19.92
N ALA D 11 -17.50 16.48 -21.05
CA ALA D 11 -16.08 16.40 -21.33
C ALA D 11 -15.51 17.80 -21.18
N ASP D 12 -16.18 18.78 -21.76
CA ASP D 12 -15.72 20.17 -21.66
C ASP D 12 -15.71 20.65 -20.20
N ILE D 13 -16.70 20.22 -19.43
CA ILE D 13 -16.79 20.62 -18.04
C ILE D 13 -15.65 20.05 -17.21
N LEU D 14 -15.50 18.73 -17.27
CA LEU D 14 -14.45 18.07 -16.51
C LEU D 14 -13.11 18.60 -16.94
N TYR D 15 -12.93 18.77 -18.25
CA TYR D 15 -11.68 19.25 -18.81
C TYR D 15 -11.26 20.60 -18.24
N ASN D 16 -12.23 21.50 -18.07
CA ASN D 16 -11.92 22.81 -17.52
C ASN D 16 -11.48 22.69 -16.07
N ILE D 17 -12.31 22.06 -15.26
CA ILE D 17 -12.00 21.87 -13.84
C ILE D 17 -10.61 21.27 -13.67
N ARG D 18 -10.32 20.26 -14.49
CA ARG D 18 -9.05 19.59 -14.43
C ARG D 18 -7.90 20.52 -14.77
N GLN D 19 -8.08 21.28 -15.84
CA GLN D 19 -7.04 22.19 -16.33
C GLN D 19 -6.84 23.45 -15.50
N THR D 20 -7.86 23.87 -14.78
CA THR D 20 -7.77 25.08 -13.98
C THR D 20 -7.71 24.90 -12.47
N SER D 21 -8.17 23.74 -12.00
CA SER D 21 -8.20 23.49 -10.56
C SER D 21 -6.83 23.34 -9.88
N ARG D 22 -6.82 23.62 -8.59
CA ARG D 22 -5.61 23.53 -7.78
C ARG D 22 -5.95 22.90 -6.44
N PRO D 23 -5.77 21.57 -6.35
CA PRO D 23 -6.06 20.81 -5.15
C PRO D 23 -5.35 21.30 -3.90
N ASP D 24 -4.25 22.02 -4.07
CA ASP D 24 -3.50 22.49 -2.92
C ASP D 24 -3.93 23.84 -2.37
N VAL D 25 -4.94 24.45 -2.99
CA VAL D 25 -5.39 25.74 -2.55
C VAL D 25 -6.82 25.79 -2.04
N ILE D 26 -6.95 26.12 -0.76
CA ILE D 26 -8.26 26.23 -0.11
C ILE D 26 -9.08 27.38 -0.75
N PRO D 27 -10.31 27.07 -1.18
CA PRO D 27 -11.23 28.03 -1.82
C PRO D 27 -11.70 29.17 -0.90
N THR D 28 -10.77 29.80 -0.21
CA THR D 28 -11.13 30.87 0.70
C THR D 28 -11.42 32.20 0.02
N GLN D 29 -12.48 32.86 0.46
CA GLN D 29 -12.89 34.17 -0.07
C GLN D 29 -12.64 35.21 1.03
N ARG D 30 -11.60 36.04 0.86
CA ARG D 30 -11.25 37.06 1.85
C ARG D 30 -10.88 36.38 3.17
N ASP D 31 -11.00 37.11 4.29
CA ASP D 31 -10.68 36.54 5.59
C ASP D 31 -11.77 35.52 5.94
N ARG D 32 -12.74 35.38 5.03
CA ARG D 32 -13.84 34.44 5.24
C ARG D 32 -13.40 32.97 5.18
N PRO D 33 -13.73 32.19 6.21
CA PRO D 33 -13.36 30.79 6.25
C PRO D 33 -14.18 30.01 5.22
N VAL D 34 -13.79 28.77 4.97
CA VAL D 34 -14.53 27.93 4.05
C VAL D 34 -15.50 27.18 4.95
N ALA D 35 -16.77 27.22 4.59
CA ALA D 35 -17.77 26.55 5.38
C ALA D 35 -17.92 25.13 4.91
N VAL D 36 -17.42 24.20 5.73
CA VAL D 36 -17.47 22.78 5.47
C VAL D 36 -18.43 22.14 6.44
N SER D 37 -19.39 21.40 5.91
CA SER D 37 -20.35 20.73 6.76
C SER D 37 -20.02 19.24 6.72
N VAL D 38 -19.98 18.64 7.90
CA VAL D 38 -19.67 17.22 8.05
C VAL D 38 -20.86 16.50 8.65
N SER D 39 -21.10 15.27 8.19
CA SER D 39 -22.23 14.49 8.68
C SER D 39 -21.96 12.99 8.52
N LEU D 40 -21.79 12.28 9.63
CA LEU D 40 -21.55 10.85 9.57
C LEU D 40 -22.88 10.11 9.58
N LYS D 41 -22.99 9.11 8.72
CA LYS D 41 -24.19 8.29 8.66
C LYS D 41 -23.65 6.89 8.90
N PHE D 42 -23.93 6.32 10.06
CA PHE D 42 -23.43 4.98 10.34
C PHE D 42 -24.09 3.90 9.54
N ILE D 43 -23.25 3.07 8.94
CA ILE D 43 -23.69 1.97 8.12
C ILE D 43 -23.53 0.67 8.87
N ASN D 44 -22.55 0.60 9.76
CA ASN D 44 -22.33 -0.62 10.50
C ASN D 44 -21.33 -0.49 11.65
N ILE D 45 -21.47 -1.38 12.63
CA ILE D 45 -20.58 -1.43 13.79
C ILE D 45 -20.11 -2.86 13.76
N LEU D 46 -18.82 -3.06 13.47
CA LEU D 46 -18.26 -4.39 13.30
C LEU D 46 -17.61 -5.09 14.48
N GLU D 47 -16.81 -4.36 15.25
CA GLU D 47 -16.16 -4.99 16.39
C GLU D 47 -16.15 -4.05 17.56
N VAL D 48 -16.46 -4.59 18.72
CA VAL D 48 -16.47 -3.80 19.91
C VAL D 48 -15.67 -4.55 20.94
N ASN D 49 -14.98 -3.79 21.78
CA ASN D 49 -14.19 -4.37 22.84
C ASN D 49 -14.36 -3.41 24.02
N GLU D 50 -15.17 -3.81 24.99
CA GLU D 50 -15.41 -2.95 26.14
C GLU D 50 -14.21 -2.90 27.06
N ILE D 51 -13.36 -3.92 26.99
CA ILE D 51 -12.17 -4.00 27.81
C ILE D 51 -11.16 -2.97 27.33
N THR D 52 -10.98 -2.89 26.02
CA THR D 52 -10.02 -1.96 25.44
C THR D 52 -10.61 -0.64 24.96
N ASN D 53 -11.93 -0.54 24.97
CA ASN D 53 -12.60 0.67 24.52
C ASN D 53 -12.19 1.02 23.09
N GLU D 54 -12.38 0.07 22.19
CA GLU D 54 -12.02 0.27 20.80
C GLU D 54 -13.20 -0.17 19.92
N VAL D 55 -13.48 0.62 18.90
CA VAL D 55 -14.59 0.32 18.02
C VAL D 55 -14.16 0.25 16.56
N ASP D 56 -14.75 -0.67 15.82
CA ASP D 56 -14.45 -0.83 14.41
C ASP D 56 -15.78 -0.54 13.76
N VAL D 57 -15.90 0.63 13.14
CA VAL D 57 -17.16 1.05 12.54
C VAL D 57 -17.07 1.50 11.08
N VAL D 58 -18.20 1.44 10.38
CA VAL D 58 -18.30 1.85 8.98
C VAL D 58 -19.28 3.01 8.89
N PHE D 59 -18.99 4.03 8.10
CA PHE D 59 -19.90 5.16 8.00
C PHE D 59 -19.67 6.00 6.75
N TRP D 60 -20.64 6.83 6.40
CA TRP D 60 -20.51 7.69 5.25
C TRP D 60 -20.12 9.04 5.78
N GLN D 61 -18.94 9.50 5.40
CA GLN D 61 -18.46 10.79 5.85
C GLN D 61 -18.94 11.81 4.84
N GLN D 62 -20.23 12.07 4.91
CA GLN D 62 -20.90 13.02 4.04
C GLN D 62 -20.37 14.43 4.27
N THR D 63 -19.56 14.90 3.33
CA THR D 63 -18.95 16.20 3.46
C THR D 63 -19.43 17.14 2.37
N THR D 64 -19.49 18.44 2.70
CA THR D 64 -19.94 19.44 1.73
C THR D 64 -19.30 20.79 1.96
N TRP D 65 -18.94 21.44 0.86
CA TRP D 65 -18.36 22.77 0.94
C TRP D 65 -18.52 23.43 -0.40
N SER D 66 -18.05 24.66 -0.50
CA SER D 66 -18.21 25.40 -1.73
C SER D 66 -16.90 25.96 -2.33
N ASP D 67 -16.73 25.74 -3.63
CA ASP D 67 -15.55 26.23 -4.33
C ASP D 67 -16.06 26.90 -5.59
N ARG D 68 -16.18 28.23 -5.52
CA ARG D 68 -16.68 29.02 -6.64
C ARG D 68 -15.81 29.01 -7.91
N THR D 69 -14.54 28.64 -7.78
CA THR D 69 -13.67 28.61 -8.95
C THR D 69 -14.02 27.43 -9.87
N LEU D 70 -14.92 26.58 -9.39
CA LEU D 70 -15.38 25.41 -10.15
C LEU D 70 -16.71 25.69 -10.83
N ALA D 71 -17.34 26.79 -10.46
CA ALA D 71 -18.64 27.14 -11.02
C ALA D 71 -18.57 27.39 -12.52
N TRP D 72 -19.63 27.04 -13.23
CA TRP D 72 -19.73 27.22 -14.68
C TRP D 72 -21.21 27.45 -15.13
N ASN D 73 -21.41 28.08 -16.29
CA ASN D 73 -22.77 28.35 -16.80
C ASN D 73 -23.54 27.09 -17.24
N SER D 74 -24.54 26.72 -16.44
CA SER D 74 -25.37 25.54 -16.71
C SER D 74 -26.60 25.81 -17.57
N SER D 75 -26.71 27.03 -18.12
CA SER D 75 -27.88 27.41 -18.93
C SER D 75 -28.33 26.39 -19.98
N HIS D 76 -27.38 25.72 -20.64
CA HIS D 76 -27.71 24.74 -21.66
C HIS D 76 -26.69 23.62 -21.64
N SER D 77 -26.18 23.39 -20.43
CA SER D 77 -25.17 22.38 -20.22
C SER D 77 -25.39 21.69 -18.87
N PRO D 78 -25.04 20.38 -18.77
CA PRO D 78 -25.19 19.60 -17.55
C PRO D 78 -24.88 20.43 -16.30
N ASP D 79 -25.64 20.16 -15.25
CA ASP D 79 -25.58 20.88 -13.98
C ASP D 79 -24.55 20.36 -12.97
N GLN D 80 -24.35 19.04 -12.99
CA GLN D 80 -23.44 18.34 -12.11
C GLN D 80 -22.55 17.38 -12.88
N VAL D 81 -21.40 17.08 -12.29
CA VAL D 81 -20.45 16.14 -12.89
C VAL D 81 -19.70 15.46 -11.76
N SER D 82 -19.17 14.27 -12.04
CA SER D 82 -18.39 13.53 -11.06
C SER D 82 -16.92 13.83 -11.30
N VAL D 83 -16.28 14.40 -10.29
CA VAL D 83 -14.87 14.75 -10.40
C VAL D 83 -13.99 13.96 -9.45
N PRO D 84 -12.81 13.51 -9.93
CA PRO D 84 -11.95 12.75 -9.04
C PRO D 84 -11.45 13.65 -7.93
N ILE D 85 -11.39 13.10 -6.72
CA ILE D 85 -10.95 13.82 -5.54
C ILE D 85 -9.60 14.49 -5.73
N SER D 86 -8.75 13.86 -6.52
CA SER D 86 -7.41 14.35 -6.79
C SER D 86 -7.35 15.62 -7.65
N SER D 87 -8.46 15.99 -8.28
CA SER D 87 -8.48 17.17 -9.11
C SER D 87 -9.12 18.36 -8.41
N LEU D 88 -9.53 18.17 -7.16
CA LEU D 88 -10.17 19.21 -6.37
C LEU D 88 -9.44 19.41 -5.06
N TRP D 89 -9.70 20.53 -4.41
CA TRP D 89 -9.13 20.79 -3.11
C TRP D 89 -10.09 20.09 -2.22
N VAL D 90 -9.59 19.46 -1.17
CA VAL D 90 -10.47 18.76 -0.26
C VAL D 90 -10.09 19.09 1.19
N PRO D 91 -11.09 19.20 2.07
CA PRO D 91 -10.87 19.51 3.48
C PRO D 91 -9.92 18.49 4.11
N ASP D 92 -8.94 18.97 4.86
CA ASP D 92 -7.99 18.08 5.50
C ASP D 92 -8.53 17.59 6.83
N LEU D 93 -9.72 17.01 6.79
CA LEU D 93 -10.37 16.50 7.99
C LEU D 93 -9.65 15.31 8.56
N ALA D 94 -9.79 15.13 9.87
CA ALA D 94 -9.17 14.02 10.56
C ALA D 94 -10.01 13.65 11.77
N ALA D 95 -10.18 12.36 12.06
CA ALA D 95 -10.94 11.95 13.22
C ALA D 95 -9.94 11.90 14.38
N TYR D 96 -10.04 12.88 15.26
CA TYR D 96 -9.13 12.99 16.40
C TYR D 96 -8.87 11.73 17.21
N ASN D 97 -9.88 10.87 17.35
CA ASN D 97 -9.70 9.65 18.13
C ASN D 97 -9.66 8.40 17.26
N ALA D 98 -9.32 8.59 15.99
CA ALA D 98 -9.22 7.46 15.09
C ALA D 98 -7.95 6.70 15.51
N ILE D 99 -8.07 5.38 15.56
CA ILE D 99 -6.99 4.50 15.97
C ILE D 99 -6.29 3.84 14.77
N SER D 100 -6.87 3.99 13.60
CA SER D 100 -6.33 3.42 12.37
C SER D 100 -6.61 4.46 11.32
N LYS D 101 -6.01 4.32 10.15
CA LYS D 101 -6.30 5.29 9.12
C LYS D 101 -7.57 4.89 8.40
N PRO D 102 -8.19 5.84 7.69
CA PRO D 102 -9.43 5.56 6.96
C PRO D 102 -9.27 4.56 5.84
N GLU D 103 -10.12 3.55 5.82
CA GLU D 103 -10.11 2.59 4.74
C GLU D 103 -11.31 3.01 3.88
N VAL D 104 -11.04 3.83 2.86
CA VAL D 104 -12.09 4.29 1.96
C VAL D 104 -12.53 3.12 1.11
N LEU D 105 -13.78 2.73 1.28
CA LEU D 105 -14.36 1.59 0.57
C LEU D 105 -14.97 1.90 -0.78
N THR D 106 -15.13 3.18 -1.09
CA THR D 106 -15.77 3.58 -2.33
C THR D 106 -14.90 4.42 -3.27
N PRO D 107 -15.32 4.53 -4.54
CA PRO D 107 -14.58 5.32 -5.53
C PRO D 107 -14.36 6.70 -4.97
N GLN D 108 -13.14 7.21 -5.09
CA GLN D 108 -12.88 8.52 -4.56
C GLN D 108 -13.23 9.65 -5.52
N LEU D 109 -14.52 9.72 -5.83
CA LEU D 109 -15.08 10.73 -6.72
C LEU D 109 -15.97 11.66 -5.93
N ALA D 110 -15.99 12.93 -6.32
CA ALA D 110 -16.84 13.90 -5.66
C ALA D 110 -17.87 14.35 -6.69
N ARG D 111 -18.89 15.04 -6.22
CA ARG D 111 -19.93 15.51 -7.12
C ARG D 111 -19.87 17.01 -7.12
N VAL D 112 -19.77 17.62 -8.30
CA VAL D 112 -19.69 19.08 -8.38
C VAL D 112 -20.86 19.71 -9.11
N VAL D 113 -21.53 20.63 -8.43
CA VAL D 113 -22.68 21.35 -8.98
C VAL D 113 -22.19 22.64 -9.64
N SER D 114 -22.81 23.01 -10.76
CA SER D 114 -22.39 24.20 -11.50
C SER D 114 -22.19 25.46 -10.70
N ASP D 115 -22.79 25.55 -9.53
CA ASP D 115 -22.63 26.76 -8.72
C ASP D 115 -21.40 26.71 -7.81
N GLY D 116 -20.57 25.68 -7.97
CA GLY D 116 -19.37 25.55 -7.15
C GLY D 116 -19.55 24.76 -5.87
N GLU D 117 -20.72 24.17 -5.71
CA GLU D 117 -21.01 23.37 -4.53
C GLU D 117 -20.36 22.00 -4.75
N VAL D 118 -19.67 21.50 -3.71
CA VAL D 118 -19.00 20.22 -3.81
C VAL D 118 -19.53 19.25 -2.76
N LEU D 119 -19.83 18.03 -3.19
CA LEU D 119 -20.33 17.02 -2.29
C LEU D 119 -19.48 15.76 -2.39
N TYR D 120 -18.82 15.38 -1.29
CA TYR D 120 -17.99 14.18 -1.25
C TYR D 120 -18.45 13.31 -0.09
N MET D 121 -18.94 12.13 -0.40
CA MET D 121 -19.45 11.23 0.63
C MET D 121 -18.89 9.82 0.49
N PRO D 122 -17.66 9.59 0.98
CA PRO D 122 -17.04 8.28 0.90
C PRO D 122 -17.48 7.39 2.03
N SER D 123 -17.49 6.07 1.80
CA SER D 123 -17.85 5.13 2.85
C SER D 123 -16.54 4.73 3.53
N ILE D 124 -16.43 4.97 4.82
CA ILE D 124 -15.20 4.67 5.53
C ILE D 124 -15.32 3.65 6.66
N ARG D 125 -14.36 2.73 6.71
CA ARG D 125 -14.30 1.77 7.79
C ARG D 125 -13.08 2.26 8.59
N GLN D 126 -13.22 2.39 9.89
CA GLN D 126 -12.10 2.90 10.66
C GLN D 126 -12.26 2.56 12.14
N ARG D 127 -11.15 2.42 12.85
CA ARG D 127 -11.22 2.12 14.27
C ARG D 127 -11.06 3.35 15.12
N PHE D 128 -11.76 3.36 16.26
CA PHE D 128 -11.69 4.50 17.16
C PHE D 128 -11.52 4.10 18.60
N SER D 129 -11.00 5.06 19.37
CA SER D 129 -10.82 4.89 20.80
C SER D 129 -11.89 5.76 21.45
N CYS D 130 -12.89 5.13 22.06
CA CYS D 130 -13.97 5.85 22.69
C CYS D 130 -14.62 5.01 23.79
N ASP D 131 -15.62 5.57 24.45
CA ASP D 131 -16.30 4.87 25.53
C ASP D 131 -17.22 3.76 25.05
N VAL D 132 -16.79 2.53 25.32
CA VAL D 132 -17.54 1.34 24.91
C VAL D 132 -18.35 0.78 26.09
N SER D 133 -17.94 1.10 27.31
CA SER D 133 -18.65 0.62 28.51
C SER D 133 -20.15 0.83 28.38
N GLY D 134 -20.91 -0.24 28.63
CA GLY D 134 -22.35 -0.14 28.53
C GLY D 134 -22.90 -0.70 27.23
N VAL D 135 -22.00 -1.14 26.35
CA VAL D 135 -22.44 -1.68 25.06
C VAL D 135 -23.54 -2.71 25.24
N ASP D 136 -23.31 -3.64 26.17
CA ASP D 136 -24.31 -4.66 26.42
C ASP D 136 -25.18 -4.24 27.58
N THR D 137 -25.93 -3.17 27.35
CA THR D 137 -26.82 -2.58 28.35
C THR D 137 -28.02 -2.02 27.62
N GLU D 138 -29.11 -1.75 28.34
CA GLU D 138 -30.31 -1.19 27.73
C GLU D 138 -30.04 0.25 27.31
N SER D 139 -29.31 0.97 28.15
CA SER D 139 -28.96 2.36 27.85
C SER D 139 -27.76 2.36 26.87
N GLY D 140 -27.09 1.22 26.77
CA GLY D 140 -25.96 1.09 25.87
C GLY D 140 -24.77 2.00 26.12
N ALA D 141 -23.89 2.07 25.12
CA ALA D 141 -22.70 2.91 25.21
C ALA D 141 -22.81 4.13 24.32
N THR D 142 -21.97 5.13 24.63
CA THR D 142 -21.94 6.35 23.87
C THR D 142 -20.50 6.61 23.45
N CYS D 143 -20.24 6.34 22.19
CA CYS D 143 -18.92 6.51 21.60
C CYS D 143 -18.91 7.84 20.85
N ARG D 144 -18.07 8.77 21.31
CA ARG D 144 -17.98 10.07 20.67
C ARG D 144 -16.76 10.14 19.76
N ILE D 145 -16.97 10.65 18.55
CA ILE D 145 -15.93 10.77 17.56
C ILE D 145 -15.84 12.23 17.12
N LYS D 146 -14.67 12.84 17.31
CA LYS D 146 -14.48 14.24 16.94
C LYS D 146 -13.61 14.38 15.68
N ILE D 147 -14.12 15.06 14.67
CA ILE D 147 -13.34 15.26 13.45
C ILE D 147 -13.35 16.71 12.96
N GLY D 148 -12.19 17.23 12.61
CA GLY D 148 -12.08 18.59 12.12
C GLY D 148 -10.80 18.80 11.33
N SER D 149 -10.61 19.95 10.71
CA SER D 149 -9.40 20.21 9.94
C SER D 149 -8.18 20.01 10.79
N TRP D 150 -7.13 19.48 10.18
CA TRP D 150 -5.90 19.21 10.89
C TRP D 150 -4.94 20.38 10.89
N THR D 151 -4.94 21.15 9.81
CA THR D 151 -4.03 22.26 9.71
C THR D 151 -4.67 23.64 9.63
N HIS D 152 -5.96 23.69 9.34
CA HIS D 152 -6.64 24.97 9.23
C HIS D 152 -7.48 25.33 10.46
N HIS D 153 -7.24 26.51 11.01
CA HIS D 153 -7.99 26.97 12.17
C HIS D 153 -9.31 27.60 11.72
N SER D 154 -10.11 28.01 12.71
CA SER D 154 -11.44 28.60 12.48
C SER D 154 -11.57 29.75 11.50
N ARG D 155 -10.48 30.49 11.29
CA ARG D 155 -10.51 31.62 10.37
C ARG D 155 -10.41 31.19 8.91
N GLU D 156 -9.96 29.95 8.69
CA GLU D 156 -9.79 29.43 7.33
C GLU D 156 -10.83 28.37 7.05
N ILE D 157 -11.01 27.47 8.00
CA ILE D 157 -12.01 26.41 7.85
C ILE D 157 -12.88 26.35 9.08
N SER D 158 -14.17 26.22 8.85
CA SER D 158 -15.13 26.10 9.92
C SER D 158 -16.00 24.89 9.58
N VAL D 159 -16.23 24.03 10.56
CA VAL D 159 -17.02 22.83 10.35
C VAL D 159 -18.34 22.98 11.07
N ASP D 160 -19.41 22.44 10.48
CA ASP D 160 -20.74 22.54 11.09
C ASP D 160 -21.57 21.28 10.85
N PRO D 161 -22.38 20.85 11.84
CA PRO D 161 -23.20 19.64 11.65
C PRO D 161 -24.35 19.92 10.69
N THR D 162 -25.18 18.91 10.43
CA THR D 162 -26.30 19.06 9.48
C THR D 162 -27.59 18.32 9.86
N THR D 163 -28.41 18.04 8.83
CA THR D 163 -29.72 17.35 8.91
C THR D 163 -29.94 16.40 10.09
N GLU D 164 -30.67 16.89 11.09
CA GLU D 164 -30.95 16.10 12.28
C GLU D 164 -32.21 15.24 12.12
N ASN D 165 -32.99 15.53 11.09
CA ASN D 165 -34.22 14.76 10.87
C ASN D 165 -33.86 13.31 10.58
N SER D 166 -33.58 13.03 9.29
CA SER D 166 -33.21 11.70 8.80
C SER D 166 -33.05 10.64 9.90
N ASP D 167 -33.82 9.55 9.82
CA ASP D 167 -33.73 8.49 10.83
C ASP D 167 -32.27 8.08 10.99
N ASP D 168 -31.77 8.20 12.22
CA ASP D 168 -30.38 7.86 12.52
C ASP D 168 -29.92 6.48 12.05
N SER D 169 -30.82 5.60 11.67
CA SER D 169 -30.35 4.30 11.23
C SER D 169 -31.04 3.81 9.97
N GLU D 170 -31.40 4.75 9.09
CA GLU D 170 -32.07 4.35 7.87
C GLU D 170 -31.09 3.74 6.88
N TYR D 171 -29.80 3.87 7.15
CA TYR D 171 -28.77 3.30 6.29
C TYR D 171 -28.01 2.21 7.05
N PHE D 172 -28.30 2.09 8.34
CA PHE D 172 -27.63 1.09 9.16
C PHE D 172 -27.91 -0.33 8.70
N SER D 173 -26.91 -1.19 8.79
CA SER D 173 -27.09 -2.57 8.39
C SER D 173 -27.97 -3.26 9.41
N GLN D 174 -28.87 -4.10 8.92
CA GLN D 174 -29.80 -4.81 9.80
C GLN D 174 -29.18 -6.06 10.35
N TYR D 175 -28.15 -6.57 9.67
CA TYR D 175 -27.47 -7.78 10.12
C TYR D 175 -26.37 -7.52 11.12
N SER D 176 -26.20 -6.26 11.50
CA SER D 176 -25.18 -5.86 12.46
C SER D 176 -25.45 -6.52 13.80
N ARG D 177 -24.37 -6.86 14.47
CA ARG D 177 -24.47 -7.50 15.78
C ARG D 177 -25.02 -6.47 16.76
N PHE D 178 -24.98 -5.20 16.37
CA PHE D 178 -25.45 -4.12 17.26
C PHE D 178 -26.59 -3.30 16.68
N GLU D 179 -27.08 -2.35 17.46
CA GLU D 179 -28.18 -1.50 17.02
C GLU D 179 -27.95 -0.08 17.53
N ILE D 180 -28.55 0.88 16.84
CA ILE D 180 -28.39 2.27 17.21
C ILE D 180 -29.56 2.86 17.97
N LEU D 181 -29.26 3.47 19.11
CA LEU D 181 -30.31 4.08 19.90
C LEU D 181 -30.49 5.51 19.39
N ASP D 182 -29.40 6.26 19.37
CA ASP D 182 -29.48 7.63 18.90
C ASP D 182 -28.12 8.17 18.47
N VAL D 183 -28.15 9.17 17.59
CA VAL D 183 -26.96 9.81 17.07
C VAL D 183 -27.17 11.30 17.08
N THR D 184 -26.23 12.03 17.69
CA THR D 184 -26.31 13.50 17.73
C THR D 184 -24.95 14.11 17.43
N GLN D 185 -24.97 15.28 16.79
CA GLN D 185 -23.73 15.96 16.42
C GLN D 185 -23.75 17.38 16.92
N LYS D 186 -22.72 17.76 17.67
CA LYS D 186 -22.62 19.11 18.23
C LYS D 186 -21.24 19.67 17.92
N LYS D 187 -21.17 20.72 17.12
CA LYS D 187 -19.87 21.31 16.77
C LYS D 187 -19.19 21.99 17.97
N ASN D 188 -17.86 22.09 17.92
CA ASN D 188 -17.10 22.70 18.99
C ASN D 188 -16.07 23.67 18.43
N SER D 189 -15.28 24.26 19.32
CA SER D 189 -14.25 25.21 18.94
C SER D 189 -13.26 25.22 20.07
N VAL D 190 -12.12 24.58 19.85
CA VAL D 190 -11.10 24.46 20.86
C VAL D 190 -9.80 25.18 20.57
N THR D 191 -9.17 25.69 21.63
CA THR D 191 -7.87 26.34 21.47
C THR D 191 -6.96 25.40 22.25
N TYR D 192 -5.86 24.98 21.63
CA TYR D 192 -4.96 24.05 22.30
C TYR D 192 -3.67 24.75 22.70
N SER D 193 -3.16 24.40 23.86
CA SER D 193 -1.91 24.98 24.35
C SER D 193 -0.83 24.86 23.26
N CYS D 194 -0.85 23.74 22.54
CA CYS D 194 0.10 23.47 21.47
C CYS D 194 -0.01 24.51 20.41
N CYS D 195 -1.25 24.92 20.19
CA CYS D 195 -1.53 25.77 19.06
C CYS D 195 -2.31 27.08 19.31
N PRO D 196 -1.71 28.21 18.87
CA PRO D 196 -2.17 29.61 18.95
C PRO D 196 -3.64 29.91 18.66
N GLU D 197 -4.11 29.53 17.47
CA GLU D 197 -5.49 29.80 17.06
C GLU D 197 -6.48 28.73 17.53
N ALA D 198 -7.75 28.90 17.16
CA ALA D 198 -8.77 27.93 17.55
C ALA D 198 -9.11 26.93 16.43
N TYR D 199 -9.38 25.68 16.80
CA TYR D 199 -9.72 24.65 15.81
C TYR D 199 -11.10 24.03 15.99
N GLU D 200 -12.03 24.40 15.11
CA GLU D 200 -13.39 23.89 15.15
C GLU D 200 -13.39 22.40 14.80
N ASP D 201 -14.41 21.69 15.28
CA ASP D 201 -14.56 20.27 15.03
C ASP D 201 -15.99 19.84 15.37
N VAL D 202 -16.47 18.81 14.70
CA VAL D 202 -17.79 18.28 14.93
C VAL D 202 -17.67 17.05 15.79
N GLU D 203 -18.41 17.01 16.89
CA GLU D 203 -18.39 15.85 17.75
C GLU D 203 -19.67 15.05 17.51
N VAL D 204 -19.51 13.80 17.14
CA VAL D 204 -20.64 12.94 16.87
C VAL D 204 -20.70 11.89 17.98
N SER D 205 -21.85 11.81 18.65
CA SER D 205 -22.01 10.84 19.72
C SER D 205 -22.85 9.67 19.21
N LEU D 206 -22.24 8.49 19.22
CA LEU D 206 -22.93 7.30 18.77
C LEU D 206 -23.43 6.49 19.94
N ASN D 207 -24.72 6.58 20.22
CA ASN D 207 -25.30 5.82 21.29
C ASN D 207 -25.89 4.57 20.68
N PHE D 208 -25.27 3.44 20.97
CA PHE D 208 -25.69 2.17 20.44
C PHE D 208 -25.53 1.16 21.56
N ARG D 209 -25.94 -0.08 21.28
CA ARG D 209 -25.84 -1.16 22.23
C ARG D 209 -25.93 -2.50 21.47
N LYS D 210 -25.49 -3.57 22.11
CA LYS D 210 -25.56 -4.88 21.48
C LYS D 210 -27.06 -5.21 21.42
N LYS D 211 -27.49 -5.96 20.41
CA LYS D 211 -28.91 -6.33 20.31
C LYS D 211 -29.25 -7.28 21.46
N GLY D 212 -30.52 -7.32 21.86
CA GLY D 212 -30.95 -8.17 22.98
C GLY D 212 -31.66 -9.47 22.64
N PHE E 8 -0.37 38.95 -2.07
CA PHE E 8 -0.79 37.87 -3.01
C PHE E 8 -1.69 36.84 -2.31
N ASP E 9 -2.66 36.30 -3.04
CA ASP E 9 -3.61 35.32 -2.47
C ASP E 9 -3.00 33.98 -2.10
N ARG E 10 -3.77 33.17 -1.37
CA ARG E 10 -3.31 31.86 -0.93
C ARG E 10 -2.74 31.09 -2.11
N ALA E 11 -3.38 31.26 -3.27
CA ALA E 11 -2.96 30.58 -4.48
C ALA E 11 -1.56 31.01 -4.91
N ASP E 12 -1.33 32.32 -4.93
CA ASP E 12 -0.03 32.84 -5.32
C ASP E 12 1.04 32.36 -4.37
N ILE E 13 0.71 32.26 -3.09
CA ILE E 13 1.68 31.81 -2.09
C ILE E 13 2.07 30.36 -2.30
N LEU E 14 1.08 29.48 -2.34
CA LEU E 14 1.32 28.06 -2.54
C LEU E 14 2.03 27.83 -3.87
N TYR E 15 1.56 28.51 -4.90
CA TYR E 15 2.15 28.39 -6.22
C TYR E 15 3.65 28.69 -6.24
N ASN E 16 4.08 29.70 -5.50
CA ASN E 16 5.48 30.06 -5.45
C ASN E 16 6.28 28.97 -4.77
N ILE E 17 5.87 28.60 -3.56
CA ILE E 17 6.55 27.56 -2.81
C ILE E 17 6.68 26.29 -3.64
N ARG E 18 5.61 25.95 -4.33
CA ARG E 18 5.59 24.76 -5.16
C ARG E 18 6.58 24.85 -6.32
N GLN E 19 6.57 25.98 -7.00
CA GLN E 19 7.44 26.22 -8.14
C GLN E 19 8.91 26.44 -7.82
N THR E 20 9.22 26.90 -6.61
CA THR E 20 10.60 27.18 -6.23
C THR E 20 11.22 26.23 -5.20
N SER E 21 10.38 25.53 -4.45
CA SER E 21 10.89 24.61 -3.43
C SER E 21 11.62 23.39 -3.95
N ARG E 22 12.47 22.85 -3.09
CA ARG E 22 13.27 21.67 -3.40
C ARG E 22 13.30 20.76 -2.18
N PRO E 23 12.38 19.78 -2.15
CA PRO E 23 12.27 18.84 -1.04
C PRO E 23 13.52 18.05 -0.74
N ASP E 24 14.43 17.95 -1.71
CA ASP E 24 15.64 17.18 -1.51
C ASP E 24 16.81 17.97 -0.95
N VAL E 25 16.58 19.25 -0.67
CA VAL E 25 17.67 20.08 -0.17
C VAL E 25 17.41 20.65 1.21
N ILE E 26 18.27 20.27 2.14
CA ILE E 26 18.17 20.73 3.53
C ILE E 26 18.43 22.25 3.60
N PRO E 27 17.51 23.00 4.23
CA PRO E 27 17.60 24.47 4.37
C PRO E 27 18.77 24.95 5.25
N THR E 28 19.96 24.42 5.00
CA THR E 28 21.12 24.80 5.79
C THR E 28 21.72 26.16 5.40
N GLN E 29 22.05 26.95 6.42
CA GLN E 29 22.66 28.28 6.26
C GLN E 29 24.10 28.20 6.77
N ARG E 30 25.06 28.20 5.84
CA ARG E 30 26.49 28.08 6.18
C ARG E 30 26.74 26.73 6.86
N ASP E 31 27.80 26.66 7.66
CA ASP E 31 28.12 25.42 8.37
C ASP E 31 27.08 25.23 9.46
N ARG E 32 26.17 26.20 9.59
CA ARG E 32 25.12 26.14 10.60
C ARG E 32 24.12 25.01 10.34
N PRO E 33 23.88 24.16 11.35
CA PRO E 33 22.94 23.04 11.21
C PRO E 33 21.51 23.60 11.16
N VAL E 34 20.56 22.76 10.80
CA VAL E 34 19.17 23.17 10.78
C VAL E 34 18.65 22.80 12.15
N ALA E 35 18.04 23.76 12.83
CA ALA E 35 17.52 23.48 14.16
C ALA E 35 16.11 22.92 14.08
N VAL E 36 16.01 21.62 14.34
CA VAL E 36 14.73 20.92 14.31
C VAL E 36 14.35 20.56 15.74
N SER E 37 13.14 20.95 16.12
CA SER E 37 12.68 20.63 17.45
C SER E 37 11.61 19.54 17.31
N VAL E 38 11.74 18.51 18.13
CA VAL E 38 10.81 17.38 18.13
C VAL E 38 10.09 17.31 19.47
N SER E 39 8.81 16.94 19.42
CA SER E 39 8.02 16.85 20.64
C SER E 39 6.87 15.85 20.45
N LEU E 40 6.93 14.72 21.17
CA LEU E 40 5.86 13.73 21.08
C LEU E 40 4.78 14.02 22.09
N LYS E 41 3.53 13.95 21.66
CA LYS E 41 2.41 14.15 22.57
C LYS E 41 1.62 12.85 22.44
N PHE E 42 1.66 12.03 23.47
CA PHE E 42 0.94 10.77 23.42
C PHE E 42 -0.55 10.92 23.43
N ILE E 43 -1.19 10.23 22.49
CA ILE E 43 -2.62 10.27 22.35
C ILE E 43 -3.21 8.98 22.84
N ASN E 44 -2.46 7.89 22.74
CA ASN E 44 -2.98 6.61 23.20
C ASN E 44 -1.93 5.50 23.25
N ILE E 45 -2.19 4.51 24.10
CA ILE E 45 -1.33 3.35 24.25
C ILE E 45 -2.28 2.21 24.01
N LEU E 46 -2.10 1.51 22.90
CA LEU E 46 -3.01 0.44 22.49
C LEU E 46 -2.71 -0.99 22.87
N GLU E 47 -1.46 -1.43 22.76
CA GLU E 47 -1.15 -2.79 23.12
C GLU E 47 0.16 -2.84 23.83
N VAL E 48 0.21 -3.62 24.89
CA VAL E 48 1.42 -3.76 25.65
C VAL E 48 1.65 -5.24 25.85
N ASN E 49 2.91 -5.64 25.87
CA ASN E 49 3.27 -7.03 26.07
C ASN E 49 4.53 -6.98 26.91
N GLU E 50 4.40 -7.27 28.19
CA GLU E 50 5.55 -7.20 29.09
C GLU E 50 6.51 -8.35 28.84
N ILE E 51 5.98 -9.42 28.27
CA ILE E 51 6.78 -10.61 27.97
C ILE E 51 7.73 -10.31 26.83
N THR E 52 7.22 -9.64 25.79
CA THR E 52 8.03 -9.33 24.62
C THR E 52 8.58 -7.91 24.61
N ASN E 53 8.17 -7.09 25.58
CA ASN E 53 8.64 -5.71 25.65
C ASN E 53 8.36 -4.95 24.35
N GLU E 54 7.10 -4.96 23.93
CA GLU E 54 6.70 -4.30 22.72
C GLU E 54 5.49 -3.44 23.00
N VAL E 55 5.49 -2.24 22.45
CA VAL E 55 4.39 -1.31 22.66
C VAL E 55 3.79 -0.83 21.35
N ASP E 56 2.48 -0.66 21.36
CA ASP E 56 1.77 -0.17 20.20
C ASP E 56 1.16 1.13 20.70
N VAL E 57 1.73 2.25 20.26
CA VAL E 57 1.29 3.56 20.73
C VAL E 57 0.97 4.56 19.62
N VAL E 58 0.17 5.57 19.96
CA VAL E 58 -0.24 6.63 19.04
C VAL E 58 0.24 7.95 19.61
N PHE E 59 0.74 8.85 18.78
CA PHE E 59 1.23 10.12 19.27
C PHE E 59 1.35 11.15 18.17
N TRP E 60 1.49 12.42 18.57
CA TRP E 60 1.64 13.50 17.61
C TRP E 60 3.11 13.83 17.57
N GLN E 61 3.73 13.61 16.42
CA GLN E 61 5.14 13.90 16.27
C GLN E 61 5.25 15.35 15.85
N GLN E 62 5.01 16.22 16.82
CA GLN E 62 5.08 17.67 16.63
C GLN E 62 6.50 18.09 16.28
N THR E 63 6.71 18.43 15.02
CA THR E 63 8.03 18.82 14.53
C THR E 63 8.06 20.26 14.06
N THR E 64 9.19 20.91 14.24
CA THR E 64 9.33 22.30 13.83
C THR E 64 10.75 22.65 13.42
N TRP E 65 10.85 23.44 12.36
CA TRP E 65 12.15 23.86 11.86
C TRP E 65 11.96 25.10 10.99
N SER E 66 13.05 25.63 10.49
CA SER E 66 12.96 26.84 9.70
C SER E 66 13.60 26.74 8.31
N ASP E 67 12.86 27.19 7.32
CA ASP E 67 13.31 27.19 5.93
C ASP E 67 13.02 28.58 5.37
N ARG E 68 14.04 29.43 5.40
CA ARG E 68 13.92 30.81 4.94
C ARG E 68 13.61 30.97 3.46
N THR E 69 13.85 29.94 2.65
CA THR E 69 13.59 30.05 1.21
C THR E 69 12.10 30.00 0.91
N LEU E 70 11.32 29.76 1.97
CA LEU E 70 9.87 29.69 1.88
C LEU E 70 9.25 31.02 2.36
N ALA E 71 10.06 31.86 2.99
CA ALA E 71 9.58 33.13 3.50
C ALA E 71 9.10 34.05 2.37
N TRP E 72 8.07 34.83 2.65
CA TRP E 72 7.56 35.76 1.66
C TRP E 72 7.25 37.07 2.38
N ASN E 73 6.65 38.04 1.70
CA ASN E 73 6.30 39.27 2.40
C ASN E 73 4.82 39.22 2.70
N SER E 74 4.50 38.93 3.96
CA SER E 74 3.10 38.85 4.40
C SER E 74 2.58 40.21 4.89
N SER E 75 3.43 41.23 4.76
CA SER E 75 3.13 42.60 5.18
C SER E 75 1.76 43.10 4.70
N HIS E 76 1.08 42.29 3.91
CA HIS E 76 -0.23 42.70 3.42
C HIS E 76 -0.95 41.49 2.90
N SER E 77 -0.34 40.33 3.14
CA SER E 77 -0.86 39.04 2.68
C SER E 77 -0.98 38.05 3.86
N PRO E 78 -1.74 36.94 3.66
CA PRO E 78 -1.91 35.94 4.72
C PRO E 78 -0.50 35.58 5.16
N ASP E 79 -0.31 35.24 6.42
CA ASP E 79 1.02 34.91 6.92
C ASP E 79 1.30 33.42 7.02
N GLN E 80 0.25 32.62 7.03
CA GLN E 80 0.37 31.16 7.07
C GLN E 80 -0.44 30.46 5.97
N VAL E 81 0.05 29.31 5.55
CA VAL E 81 -0.63 28.50 4.54
C VAL E 81 -0.34 27.03 4.85
N SER E 82 -1.19 26.14 4.35
CA SER E 82 -1.01 24.71 4.53
C SER E 82 -0.36 24.17 3.27
N VAL E 83 0.83 23.60 3.43
CA VAL E 83 1.60 23.07 2.32
C VAL E 83 1.77 21.56 2.39
N PRO E 84 1.60 20.87 1.26
CA PRO E 84 1.76 19.41 1.29
C PRO E 84 3.22 19.09 1.60
N ILE E 85 3.42 18.07 2.43
CA ILE E 85 4.72 17.61 2.85
C ILE E 85 5.65 17.33 1.69
N SER E 86 5.08 16.88 0.58
CA SER E 86 5.84 16.56 -0.62
C SER E 86 6.43 17.76 -1.35
N SER E 87 6.00 18.97 -1.00
CA SER E 87 6.52 20.17 -1.66
C SER E 87 7.56 20.89 -0.81
N LEU E 88 7.87 20.32 0.34
CA LEU E 88 8.84 20.92 1.26
C LEU E 88 9.92 19.92 1.61
N TRP E 89 11.02 20.42 2.16
CA TRP E 89 12.09 19.56 2.61
C TRP E 89 11.60 19.19 3.99
N VAL E 90 11.83 17.96 4.40
CA VAL E 90 11.39 17.53 5.70
C VAL E 90 12.51 16.73 6.37
N PRO E 91 12.65 16.88 7.69
CA PRO E 91 13.68 16.17 8.45
C PRO E 91 13.55 14.66 8.29
N ASP E 92 14.66 13.99 8.04
CA ASP E 92 14.63 12.55 7.87
C ASP E 92 14.72 11.86 9.21
N LEU E 93 13.79 12.21 10.10
CA LEU E 93 13.74 11.63 11.42
C LEU E 93 13.34 10.18 11.41
N ALA E 94 13.80 9.45 12.41
CA ALA E 94 13.49 8.04 12.53
C ALA E 94 13.50 7.64 14.01
N ALA E 95 12.55 6.83 14.44
CA ALA E 95 12.53 6.36 15.82
C ALA E 95 13.45 5.14 15.86
N TYR E 96 14.62 5.30 16.46
CA TYR E 96 15.61 4.22 16.55
C TYR E 96 15.11 2.85 17.01
N ASN E 97 14.14 2.83 17.92
CA ASN E 97 13.64 1.56 18.41
C ASN E 97 12.24 1.23 17.92
N ALA E 98 11.87 1.84 16.80
CA ALA E 98 10.57 1.58 16.18
C ALA E 98 10.67 0.18 15.61
N ILE E 99 9.61 -0.60 15.84
CA ILE E 99 9.52 -1.99 15.43
C ILE E 99 8.66 -2.16 14.17
N SER E 100 7.97 -1.09 13.78
CA SER E 100 7.12 -1.08 12.60
C SER E 100 7.31 0.28 11.98
N LYS E 101 6.85 0.48 10.75
CA LYS E 101 7.00 1.80 10.17
C LYS E 101 5.84 2.69 10.64
N PRO E 102 6.01 4.02 10.53
CA PRO E 102 4.97 4.95 10.97
C PRO E 102 3.69 4.88 10.17
N GLU E 103 2.57 4.75 10.87
CA GLU E 103 1.29 4.74 10.19
C GLU E 103 0.77 6.12 10.44
N VAL E 104 1.00 7.03 9.48
CA VAL E 104 0.54 8.39 9.59
C VAL E 104 -0.99 8.41 9.43
N LEU E 105 -1.66 8.81 10.51
CA LEU E 105 -3.11 8.80 10.55
C LEU E 105 -3.77 10.07 10.03
N THR E 106 -2.99 11.12 9.84
CA THR E 106 -3.52 12.40 9.41
C THR E 106 -3.01 12.93 8.08
N PRO E 107 -3.71 13.92 7.51
CA PRO E 107 -3.30 14.51 6.23
C PRO E 107 -1.85 14.90 6.34
N GLN E 108 -1.06 14.60 5.31
CA GLN E 108 0.33 14.95 5.38
C GLN E 108 0.61 16.34 4.87
N LEU E 109 0.05 17.31 5.60
CA LEU E 109 0.17 18.74 5.32
C LEU E 109 0.96 19.40 6.42
N ALA E 110 1.76 20.40 6.05
CA ALA E 110 2.53 21.15 7.03
C ALA E 110 2.00 22.57 7.06
N ARG E 111 2.40 23.33 8.06
CA ARG E 111 1.94 24.69 8.17
C ARG E 111 3.16 25.59 7.99
N VAL E 112 3.08 26.53 7.06
CA VAL E 112 4.20 27.41 6.82
C VAL E 112 3.90 28.88 7.12
N VAL E 113 4.72 29.47 7.99
CA VAL E 113 4.59 30.87 8.39
C VAL E 113 5.45 31.74 7.48
N SER E 114 4.95 32.91 7.11
CA SER E 114 5.67 33.80 6.21
C SER E 114 7.16 34.02 6.50
N ASP E 115 7.58 33.79 7.74
CA ASP E 115 8.97 33.99 8.07
C ASP E 115 9.85 32.77 7.82
N GLY E 116 9.27 31.76 7.17
CA GLY E 116 10.02 30.54 6.87
C GLY E 116 9.95 29.47 7.94
N GLU E 117 9.13 29.69 8.97
CA GLU E 117 8.99 28.73 10.05
C GLU E 117 8.06 27.64 9.54
N VAL E 118 8.43 26.39 9.79
CA VAL E 118 7.63 25.26 9.35
C VAL E 118 7.17 24.40 10.53
N LEU E 119 5.89 24.04 10.54
CA LEU E 119 5.35 23.23 11.62
C LEU E 119 4.62 22.04 11.05
N TYR E 120 5.12 20.84 11.33
CA TYR E 120 4.52 19.59 10.86
C TYR E 120 4.24 18.71 12.06
N MET E 121 2.96 18.43 12.30
CA MET E 121 2.59 17.61 13.45
C MET E 121 1.62 16.50 13.06
N PRO E 122 2.13 15.39 12.52
CA PRO E 122 1.28 14.27 12.11
C PRO E 122 0.96 13.35 13.29
N SER E 123 -0.18 12.68 13.24
CA SER E 123 -0.52 11.75 14.31
C SER E 123 -0.03 10.38 13.85
N ILE E 124 0.84 9.76 14.62
CA ILE E 124 1.40 8.48 14.24
C ILE E 124 1.13 7.32 15.18
N ARG E 125 0.78 6.18 14.60
CA ARG E 125 0.59 4.96 15.39
C ARG E 125 1.81 4.14 14.99
N GLN E 126 2.51 3.59 15.98
CA GLN E 126 3.71 2.84 15.67
C GLN E 126 4.12 1.94 16.83
N ARG E 127 4.78 0.83 16.52
CA ARG E 127 5.22 -0.08 17.55
C ARG E 127 6.68 0.14 17.90
N PHE E 128 7.00 -0.09 19.17
CA PHE E 128 8.37 0.08 19.64
C PHE E 128 8.83 -1.04 20.53
N SER E 129 10.15 -1.16 20.62
CA SER E 129 10.81 -2.13 21.46
C SER E 129 11.41 -1.32 22.60
N CYS E 130 10.85 -1.47 23.80
CA CYS E 130 11.33 -0.74 24.96
C CYS E 130 10.97 -1.49 26.24
N ASP E 131 11.36 -0.92 27.38
CA ASP E 131 11.08 -1.54 28.68
C ASP E 131 9.62 -1.44 29.10
N VAL E 132 8.93 -2.57 29.07
CA VAL E 132 7.54 -2.64 29.45
C VAL E 132 7.38 -3.15 30.89
N SER E 133 8.38 -3.86 31.41
CA SER E 133 8.33 -4.38 32.76
C SER E 133 7.86 -3.33 33.76
N GLY E 134 6.86 -3.68 34.56
CA GLY E 134 6.36 -2.74 35.55
C GLY E 134 5.09 -2.05 35.11
N VAL E 135 4.62 -2.36 33.90
CA VAL E 135 3.40 -1.77 33.37
C VAL E 135 2.29 -1.85 34.38
N ASP E 136 2.08 -3.05 34.92
CA ASP E 136 1.03 -3.24 35.92
C ASP E 136 1.62 -3.09 37.30
N THR E 137 2.06 -1.89 37.60
CA THR E 137 2.68 -1.56 38.87
C THR E 137 2.33 -0.11 39.19
N GLU E 138 2.49 0.29 40.45
CA GLU E 138 2.19 1.65 40.86
C GLU E 138 3.21 2.59 40.26
N SER E 139 4.47 2.15 40.24
CA SER E 139 5.55 2.95 39.68
C SER E 139 5.55 2.78 38.14
N GLY E 140 4.82 1.75 37.68
CA GLY E 140 4.69 1.50 36.26
C GLY E 140 5.97 1.27 35.48
N ALA E 141 5.86 1.33 34.15
CA ALA E 141 7.00 1.13 33.27
C ALA E 141 7.48 2.42 32.64
N THR E 142 8.73 2.39 32.16
CA THR E 142 9.32 3.53 31.50
C THR E 142 9.85 3.08 30.17
N CYS E 143 9.10 3.45 29.13
CA CYS E 143 9.44 3.10 27.77
C CYS E 143 10.11 4.32 27.13
N ARG E 144 11.37 4.16 26.74
CA ARG E 144 12.11 5.25 26.13
C ARG E 144 12.18 5.05 24.63
N ILE E 145 11.88 6.13 23.91
CA ILE E 145 11.88 6.16 22.46
C ILE E 145 12.86 7.24 21.98
N LYS E 146 13.88 6.83 21.21
CA LYS E 146 14.88 7.78 20.70
C LYS E 146 14.71 8.04 19.22
N ILE E 147 14.54 9.30 18.83
CA ILE E 147 14.39 9.63 17.42
C ILE E 147 15.26 10.80 16.98
N GLY E 148 15.96 10.62 15.85
CA GLY E 148 16.83 11.66 15.32
C GLY E 148 17.05 11.47 13.82
N SER E 149 17.73 12.41 13.17
CA SER E 149 17.98 12.29 11.74
C SER E 149 18.70 10.99 11.44
N TRP E 150 18.37 10.40 10.31
CA TRP E 150 18.96 9.13 9.93
C TRP E 150 20.22 9.30 9.14
N THR E 151 20.30 10.36 8.34
CA THR E 151 21.47 10.57 7.50
C THR E 151 22.28 11.82 7.78
N HIS E 152 21.71 12.75 8.55
CA HIS E 152 22.41 13.98 8.83
C HIS E 152 22.96 14.03 10.24
N HIS E 153 24.25 14.33 10.34
CA HIS E 153 24.91 14.42 11.65
C HIS E 153 24.69 15.81 12.27
N SER E 154 25.19 15.98 13.48
CA SER E 154 25.05 17.23 14.24
C SER E 154 25.43 18.53 13.55
N ARG E 155 26.31 18.46 12.55
CA ARG E 155 26.75 19.67 11.85
C ARG E 155 25.73 20.15 10.83
N GLU E 156 24.82 19.26 10.45
CA GLU E 156 23.81 19.57 9.45
C GLU E 156 22.44 19.68 10.11
N ILE E 157 22.11 18.70 10.95
CA ILE E 157 20.86 18.72 11.67
C ILE E 157 21.10 18.53 13.14
N SER E 158 20.38 19.32 13.93
CA SER E 158 20.47 19.22 15.38
C SER E 158 19.02 19.15 15.87
N VAL E 159 18.76 18.23 16.80
CA VAL E 159 17.40 18.07 17.34
C VAL E 159 17.39 18.52 18.79
N ASP E 160 16.29 19.14 19.20
CA ASP E 160 16.16 19.64 20.57
C ASP E 160 14.74 19.47 21.11
N PRO E 161 14.59 19.15 22.40
CA PRO E 161 13.25 18.98 22.97
C PRO E 161 12.56 20.34 23.13
N THR E 162 11.33 20.34 23.64
CA THR E 162 10.57 21.58 23.79
C THR E 162 9.68 21.66 25.06
N THR E 163 8.66 22.54 24.99
CA THR E 163 7.68 22.83 26.05
C THR E 163 7.42 21.74 27.08
N GLU E 164 8.04 21.89 28.24
CA GLU E 164 7.88 20.92 29.33
C GLU E 164 6.66 21.21 30.21
N ASN E 165 6.09 22.41 30.05
CA ASN E 165 4.94 22.76 30.87
C ASN E 165 3.77 21.84 30.54
N SER E 166 3.03 22.20 29.48
CA SER E 166 1.87 21.44 28.98
C SER E 166 1.64 20.11 29.69
N ASP E 167 0.46 19.93 30.30
CA ASP E 167 0.16 18.68 31.01
C ASP E 167 0.47 17.50 30.09
N ASP E 168 1.37 16.61 30.54
CA ASP E 168 1.77 15.45 29.77
C ASP E 168 0.63 14.59 29.24
N SER E 169 -0.59 14.77 29.73
CA SER E 169 -1.67 13.94 29.22
C SER E 169 -2.93 14.72 28.90
N GLU E 170 -2.77 15.98 28.50
CA GLU E 170 -3.94 16.77 28.17
C GLU E 170 -4.55 16.37 26.83
N TYR E 171 -3.82 15.56 26.06
CA TYR E 171 -4.32 15.07 24.76
C TYR E 171 -4.51 13.56 24.83
N PHE E 172 -4.08 12.95 25.92
CA PHE E 172 -4.21 11.52 26.07
C PHE E 172 -5.66 11.08 26.08
N SER E 173 -5.92 9.91 25.51
CA SER E 173 -7.27 9.38 25.49
C SER E 173 -7.62 8.93 26.88
N GLN E 174 -8.85 9.19 27.28
CA GLN E 174 -9.33 8.81 28.60
C GLN E 174 -9.81 7.36 28.61
N TYR E 175 -10.15 6.84 27.44
CA TYR E 175 -10.63 5.48 27.36
C TYR E 175 -9.52 4.47 27.22
N SER E 176 -8.28 4.95 27.24
CA SER E 176 -7.13 4.07 27.14
C SER E 176 -7.08 3.11 28.30
N ARG E 177 -6.64 1.89 28.02
CA ARG E 177 -6.53 0.86 29.03
C ARG E 177 -5.43 1.29 30.01
N PHE E 178 -4.59 2.24 29.61
CA PHE E 178 -3.48 2.68 30.47
C PHE E 178 -3.57 4.14 30.82
N GLU E 179 -2.62 4.61 31.64
CA GLU E 179 -2.58 6.00 32.06
C GLU E 179 -1.13 6.49 32.13
N ILE E 180 -0.93 7.79 31.99
CA ILE E 180 0.42 8.33 32.02
C ILE E 180 0.83 8.95 33.35
N LEU E 181 1.97 8.53 33.86
CA LEU E 181 2.45 9.09 35.10
C LEU E 181 3.24 10.35 34.74
N ASP E 182 4.25 10.19 33.89
CA ASP E 182 5.06 11.35 33.50
C ASP E 182 5.77 11.13 32.17
N VAL E 183 6.10 12.24 31.51
CA VAL E 183 6.80 12.22 30.24
C VAL E 183 7.91 13.26 30.24
N THR E 184 9.13 12.84 29.95
CA THR E 184 10.27 13.74 29.90
C THR E 184 11.11 13.49 28.65
N GLN E 185 11.70 14.56 28.11
CA GLN E 185 12.51 14.45 26.90
C GLN E 185 13.87 15.07 27.14
N LYS E 186 14.92 14.30 26.89
CA LYS E 186 16.30 14.77 27.10
C LYS E 186 17.11 14.47 25.85
N LYS E 187 17.57 15.52 25.16
CA LYS E 187 18.33 15.32 23.94
C LYS E 187 19.71 14.70 24.19
N ASN E 188 20.25 14.02 23.19
CA ASN E 188 21.56 13.40 23.32
C ASN E 188 22.42 13.69 22.11
N SER E 189 23.64 13.16 22.10
CA SER E 189 24.56 13.33 20.99
C SER E 189 25.50 12.14 21.04
N VAL E 190 25.31 11.22 20.10
CA VAL E 190 26.08 9.99 20.05
C VAL E 190 26.99 9.83 18.84
N THR E 191 28.15 9.23 19.08
CA THR E 191 29.07 8.95 17.98
C THR E 191 29.08 7.41 17.92
N TYR E 192 28.82 6.86 16.73
CA TYR E 192 28.77 5.40 16.59
C TYR E 192 29.98 4.88 15.87
N SER E 193 30.47 3.73 16.32
CA SER E 193 31.64 3.12 15.72
C SER E 193 31.42 3.00 14.21
N CYS E 194 30.17 2.72 13.82
CA CYS E 194 29.79 2.59 12.41
C CYS E 194 30.05 3.87 11.67
N CYS E 195 29.77 4.95 12.38
CA CYS E 195 29.79 6.23 11.75
C CYS E 195 30.65 7.34 12.38
N PRO E 196 31.55 7.92 11.55
CA PRO E 196 32.52 9.00 11.81
C PRO E 196 32.06 10.20 12.66
N GLU E 197 31.01 10.88 12.23
CA GLU E 197 30.50 12.06 12.93
C GLU E 197 29.51 11.73 14.05
N ALA E 198 29.00 12.75 14.73
CA ALA E 198 28.03 12.55 15.82
C ALA E 198 26.58 12.74 15.38
N TYR E 199 25.68 11.94 15.95
CA TYR E 199 24.25 12.05 15.59
C TYR E 199 23.36 12.35 16.79
N GLU E 200 22.89 13.59 16.85
CA GLU E 200 21.98 14.03 17.91
C GLU E 200 20.62 13.33 17.79
N ASP E 201 19.94 13.18 18.92
CA ASP E 201 18.63 12.56 18.96
C ASP E 201 17.93 12.95 20.24
N VAL E 202 16.60 12.94 20.23
CA VAL E 202 15.81 13.27 21.41
C VAL E 202 15.29 11.99 22.02
N GLU E 203 15.55 11.80 23.30
CA GLU E 203 15.07 10.60 23.97
C GLU E 203 13.85 10.97 24.79
N VAL E 204 12.74 10.30 24.51
CA VAL E 204 11.51 10.57 25.23
C VAL E 204 11.22 9.38 26.13
N SER E 205 11.03 9.63 27.42
CA SER E 205 10.75 8.56 28.36
C SER E 205 9.27 8.59 28.72
N LEU E 206 8.59 7.51 28.39
CA LEU E 206 7.19 7.42 28.69
C LEU E 206 6.96 6.57 29.91
N ASN E 207 6.67 7.22 31.03
CA ASN E 207 6.40 6.51 32.27
C ASN E 207 4.88 6.41 32.37
N PHE E 208 4.38 5.20 32.21
CA PHE E 208 2.95 4.95 32.27
C PHE E 208 2.77 3.62 32.98
N ARG E 209 1.51 3.27 33.19
CA ARG E 209 1.15 2.03 33.87
C ARG E 209 -0.30 1.67 33.52
N LYS E 210 -0.66 0.42 33.72
CA LYS E 210 -2.02 -0.01 33.48
C LYS E 210 -2.88 0.64 34.54
N LYS E 211 -4.17 0.80 34.28
CA LYS E 211 -5.04 1.39 35.28
C LYS E 211 -5.39 0.38 36.40
N GLY E 212 -5.97 0.87 37.51
CA GLY E 212 -6.33 -0.03 38.60
C GLY E 212 -7.83 -0.24 38.74
#